data_7XOZ
#
_entry.id   7XOZ
#
_cell.length_a   69.799
_cell.length_b   81.133
_cell.length_c   70.713
_cell.angle_alpha   90.00
_cell.angle_beta   112.33
_cell.angle_gamma   90.00
#
_symmetry.space_group_name_H-M   'P 1 21 1'
#
loop_
_entity.id
_entity.type
_entity.pdbx_description
1 polymer 'ADP-ribosyl cyclase/cyclic ADP-ribose hydrolase'
2 polymer 'ADP-ribosyl cyclase/cyclic ADP-ribose hydrolase'
3 non-polymer ADENOSINE-5-DIPHOSPHORIBOSE
4 water water
#
loop_
_entity_poly.entity_id
_entity_poly.type
_entity_poly.pdbx_seq_one_letter_code
_entity_poly.pdbx_strand_id
1 'polypeptide(L)'
;KHQVFPSFHGADVRKTILSHILESFRRKGIDPFIDNNIERSKSIGHELKEAIKGSKIAIVLLSKNYASSSWCLDELAEIM
KCRELLGQIVMTIFYEVDPTDIKKQTGEFGKAFTKTCKGKTKEYVERWRKALEDVATIAGYHSHKWRNEADMIEKIATDV
SNMLN
;
A,F
2 'polypeptide(L)'
;KHHVFPSFHGADVRKTILSHILESFRRKGIDPFIDNNIERSKSIGHELKEAIKGSKIAIVLLSKNYASSSWCLDELAEIM
KCRELLGQIVMTIFYEVDPTDIKKQTGEFGKAFTKTCKGKTKEYVERWRKALEDVATIAGYHSHKWRNEADMIEKIATDV
SNMLN
;
B,E
#
# COMPACT_ATOMS: atom_id res chain seq x y z
N LYS A 1 6.69 -14.61 -19.50
CA LYS A 1 7.91 -14.45 -20.28
C LYS A 1 9.08 -15.19 -19.63
N HIS A 2 10.06 -14.47 -19.08
CA HIS A 2 11.27 -15.13 -18.60
C HIS A 2 12.24 -14.18 -17.90
N GLN A 3 13.26 -13.70 -18.60
CA GLN A 3 14.48 -13.25 -17.95
C GLN A 3 14.20 -12.17 -16.91
N VAL A 4 14.63 -12.43 -15.68
CA VAL A 4 14.64 -11.46 -14.59
C VAL A 4 15.85 -11.78 -13.72
N PHE A 5 16.53 -10.76 -13.24
CA PHE A 5 17.71 -10.97 -12.40
C PHE A 5 17.44 -10.34 -11.04
N PRO A 6 17.30 -11.14 -9.95
CA PRO A 6 17.10 -10.56 -8.63
C PRO A 6 18.39 -10.23 -7.92
N SER A 7 18.55 -9.00 -7.43
CA SER A 7 19.69 -8.60 -6.63
C SER A 7 19.15 -8.34 -5.24
N PHE A 8 19.76 -8.96 -4.23
CA PHE A 8 19.23 -9.02 -2.88
C PHE A 8 20.38 -9.31 -1.93
N HIS A 9 20.17 -9.04 -0.64
CA HIS A 9 21.10 -9.44 0.40
C HIS A 9 20.50 -10.67 1.08
N GLY A 10 21.04 -11.85 0.74
CA GLY A 10 20.41 -13.09 1.14
C GLY A 10 20.14 -13.22 2.63
N ALA A 11 21.12 -12.83 3.46
CA ALA A 11 20.90 -12.91 4.90
C ALA A 11 19.66 -12.14 5.33
N ASP A 12 19.35 -11.05 4.64
CA ASP A 12 18.16 -10.27 5.02
C ASP A 12 16.87 -10.88 4.49
N VAL A 13 16.89 -11.52 3.33
CA VAL A 13 15.64 -11.83 2.65
C VAL A 13 15.61 -13.17 1.94
N ARG A 14 16.76 -13.85 1.82
CA ARG A 14 16.82 -15.04 0.98
C ARG A 14 15.77 -16.05 1.40
N LYS A 15 15.81 -16.46 2.67
CA LYS A 15 14.95 -17.54 3.15
C LYS A 15 13.50 -17.09 3.25
N THR A 16 13.26 -15.79 3.49
CA THR A 16 11.92 -15.30 3.70
C THR A 16 11.33 -14.69 2.44
N ILE A 17 11.31 -13.36 2.35
CA ILE A 17 10.50 -12.71 1.31
C ILE A 17 10.96 -13.12 -0.09
N LEU A 18 12.26 -13.32 -0.28
CA LEU A 18 12.72 -13.69 -1.62
C LEU A 18 12.12 -15.02 -2.06
N SER A 19 12.01 -15.97 -1.14
CA SER A 19 11.46 -17.26 -1.51
C SER A 19 10.04 -17.10 -2.01
N HIS A 20 9.24 -16.25 -1.34
CA HIS A 20 7.84 -16.06 -1.74
C HIS A 20 7.79 -15.39 -3.09
N ILE A 21 8.65 -14.40 -3.31
CA ILE A 21 8.69 -13.71 -4.59
C ILE A 21 8.93 -14.70 -5.73
N LEU A 22 9.95 -15.56 -5.59
CA LEU A 22 10.27 -16.53 -6.64
C LEU A 22 9.16 -17.54 -6.83
N GLU A 23 8.41 -17.83 -5.78
CA GLU A 23 7.24 -18.69 -5.93
C GLU A 23 6.12 -18.01 -6.71
N SER A 24 5.93 -16.70 -6.53
CA SER A 24 4.97 -15.97 -7.35
C SER A 24 5.35 -16.02 -8.82
N PHE A 25 6.63 -15.77 -9.13
CA PHE A 25 7.09 -15.78 -10.52
C PHE A 25 6.73 -17.09 -11.22
N ARG A 26 7.15 -18.22 -10.65
CA ARG A 26 6.90 -19.50 -11.31
C ARG A 26 5.41 -19.76 -11.45
N ARG A 27 4.62 -19.34 -10.45
CA ARG A 27 3.17 -19.49 -10.56
C ARG A 27 2.66 -18.81 -11.83
N LYS A 28 3.23 -17.66 -12.18
CA LYS A 28 2.80 -16.88 -13.32
C LYS A 28 3.61 -17.18 -14.58
N GLY A 29 4.48 -18.18 -14.53
CA GLY A 29 5.27 -18.55 -15.69
C GLY A 29 6.51 -17.71 -15.93
N ILE A 30 6.89 -16.85 -14.99
CA ILE A 30 8.11 -16.07 -15.09
C ILE A 30 9.27 -16.95 -14.67
N ASP A 31 10.35 -16.91 -15.46
CA ASP A 31 11.52 -17.76 -15.18
C ASP A 31 12.68 -16.91 -14.72
N PRO A 32 12.91 -16.76 -13.42
CA PRO A 32 14.03 -15.94 -12.93
C PRO A 32 15.37 -16.67 -13.03
N PHE A 33 16.43 -15.91 -12.71
CA PHE A 33 17.76 -16.44 -12.57
C PHE A 33 18.00 -16.81 -11.12
N ILE A 34 18.46 -18.04 -10.88
CA ILE A 34 18.72 -18.53 -9.53
C ILE A 34 20.21 -18.72 -9.39
N ASP A 35 20.83 -17.95 -8.49
CA ASP A 35 22.28 -18.06 -8.32
C ASP A 35 22.67 -19.46 -7.87
N ASN A 36 21.86 -20.08 -7.00
CA ASN A 36 22.13 -21.43 -6.53
C ASN A 36 22.25 -22.46 -7.65
N ASN A 37 21.87 -22.12 -8.89
CA ASN A 37 21.95 -23.04 -10.00
C ASN A 37 23.13 -22.75 -10.92
N ILE A 38 24.03 -21.84 -10.54
CA ILE A 38 25.30 -21.73 -11.21
C ILE A 38 25.95 -23.10 -11.22
N GLU A 39 26.45 -23.52 -12.36
CA GLU A 39 27.25 -24.74 -12.41
C GLU A 39 28.42 -24.66 -11.43
N ARG A 40 28.63 -25.75 -10.69
CA ARG A 40 29.77 -25.87 -9.80
C ARG A 40 31.03 -26.04 -10.65
N SER A 41 32.14 -25.43 -10.21
CA SER A 41 33.42 -25.27 -10.90
C SER A 41 33.47 -23.92 -11.62
N LYS A 42 32.35 -23.19 -11.72
CA LYS A 42 32.31 -21.89 -12.36
C LYS A 42 32.79 -20.80 -11.41
N SER A 43 33.11 -19.64 -11.98
CA SER A 43 33.47 -18.45 -11.20
C SER A 43 32.23 -17.60 -11.04
N ILE A 44 31.86 -17.32 -9.79
CA ILE A 44 30.55 -16.73 -9.50
C ILE A 44 30.42 -15.36 -10.18
N GLY A 45 31.42 -14.50 -10.02
CA GLY A 45 31.26 -13.15 -10.52
C GLY A 45 31.17 -13.09 -12.02
N HIS A 46 31.75 -14.05 -12.72
CA HIS A 46 31.62 -14.01 -14.17
C HIS A 46 30.26 -14.47 -14.61
N GLU A 47 29.67 -15.44 -13.87
CA GLU A 47 28.31 -15.90 -14.15
C GLU A 47 27.28 -14.85 -13.78
N LEU A 48 27.55 -14.06 -12.73
CA LEU A 48 26.63 -13.00 -12.40
C LEU A 48 26.60 -11.88 -13.44
N LYS A 49 27.76 -11.43 -13.94
CA LYS A 49 27.74 -10.36 -14.94
C LYS A 49 27.05 -10.84 -16.20
N GLU A 50 27.31 -12.07 -16.61
CA GLU A 50 26.68 -12.58 -17.82
C GLU A 50 25.17 -12.68 -17.64
N ALA A 51 24.75 -13.03 -16.44
CA ALA A 51 23.32 -13.20 -16.16
C ALA A 51 22.61 -11.84 -16.16
N ILE A 52 23.27 -10.81 -15.62
CA ILE A 52 22.71 -9.47 -15.65
C ILE A 52 22.54 -8.99 -17.08
N LYS A 53 23.60 -9.11 -17.88
CA LYS A 53 23.57 -8.65 -19.27
C LYS A 53 22.42 -9.29 -20.02
N GLY A 54 22.01 -10.48 -19.62
CA GLY A 54 20.98 -11.22 -20.33
C GLY A 54 19.60 -11.10 -19.76
N SER A 55 19.38 -10.22 -18.80
CA SER A 55 18.08 -10.07 -18.17
C SER A 55 17.36 -8.86 -18.71
N LYS A 56 16.12 -9.06 -19.14
CA LYS A 56 15.27 -7.95 -19.56
C LYS A 56 14.95 -7.03 -18.38
N ILE A 57 14.61 -7.62 -17.24
CA ILE A 57 14.26 -6.90 -16.02
C ILE A 57 15.26 -7.25 -14.93
N ALA A 58 15.50 -6.31 -14.04
CA ALA A 58 16.28 -6.53 -12.84
C ALA A 58 15.49 -6.03 -11.64
N ILE A 59 15.33 -6.89 -10.63
CA ILE A 59 14.61 -6.56 -9.41
C ILE A 59 15.66 -6.30 -8.34
N VAL A 60 15.76 -5.07 -7.87
CA VAL A 60 16.72 -4.73 -6.82
C VAL A 60 15.95 -4.70 -5.50
N LEU A 61 16.17 -5.71 -4.67
CA LEU A 61 15.54 -5.82 -3.35
C LEU A 61 16.46 -5.19 -2.29
N LEU A 62 16.21 -3.95 -1.95
CA LEU A 62 17.09 -3.22 -1.05
C LEU A 62 16.67 -3.41 0.40
N SER A 63 17.68 -3.59 1.26
CA SER A 63 17.46 -3.87 2.68
C SER A 63 18.55 -3.20 3.49
N LYS A 64 18.37 -3.17 4.81
CA LYS A 64 19.29 -2.44 5.67
C LYS A 64 20.73 -2.83 5.42
N ASN A 65 20.99 -4.11 5.23
CA ASN A 65 22.34 -4.62 5.13
C ASN A 65 22.78 -4.88 3.69
N TYR A 66 22.00 -4.43 2.70
CA TYR A 66 22.40 -4.61 1.31
C TYR A 66 23.78 -4.05 1.04
N ALA A 67 24.11 -2.91 1.63
CA ALA A 67 25.39 -2.25 1.38
C ALA A 67 26.53 -2.81 2.21
N SER A 68 26.24 -3.76 3.10
CA SER A 68 27.29 -4.44 3.83
C SER A 68 28.02 -5.46 2.97
N SER A 69 27.45 -5.82 1.83
CA SER A 69 28.01 -6.82 0.93
C SER A 69 28.45 -6.16 -0.39
N SER A 70 29.73 -6.31 -0.70
CA SER A 70 30.25 -5.81 -1.97
C SER A 70 29.74 -6.64 -3.14
N TRP A 71 29.25 -7.85 -2.89
CA TRP A 71 28.56 -8.59 -3.95
C TRP A 71 27.29 -7.87 -4.37
N CYS A 72 26.51 -7.38 -3.38
CA CYS A 72 25.25 -6.69 -3.64
C CYS A 72 25.48 -5.34 -4.30
N LEU A 73 26.55 -4.64 -3.95
CA LEU A 73 26.87 -3.37 -4.59
C LEU A 73 27.52 -3.56 -5.95
N ASP A 74 28.41 -4.54 -6.10
CA ASP A 74 28.99 -4.77 -7.42
C ASP A 74 27.91 -5.11 -8.43
N GLU A 75 26.91 -5.89 -8.04
CA GLU A 75 25.78 -6.17 -8.93
C GLU A 75 25.00 -4.91 -9.21
N LEU A 76 24.72 -4.10 -8.18
CA LEU A 76 23.96 -2.86 -8.39
C LEU A 76 24.67 -1.95 -9.40
N ALA A 77 26.00 -1.80 -9.29
CA ALA A 77 26.74 -0.98 -10.24
C ALA A 77 26.65 -1.55 -11.66
N GLU A 78 26.62 -2.87 -11.79
CA GLU A 78 26.49 -3.46 -13.12
C GLU A 78 25.09 -3.28 -13.67
N ILE A 79 24.08 -3.29 -12.78
CA ILE A 79 22.69 -3.14 -13.21
C ILE A 79 22.45 -1.74 -13.76
N MET A 80 22.91 -0.73 -13.04
CA MET A 80 22.72 0.62 -13.53
C MET A 80 23.42 0.82 -14.86
N LYS A 81 24.59 0.20 -15.03
CA LYS A 81 25.31 0.30 -16.31
C LYS A 81 24.51 -0.33 -17.45
N CYS A 82 23.77 -1.39 -17.17
CA CYS A 82 22.99 -2.07 -18.20
C CYS A 82 21.69 -1.36 -18.48
N ARG A 83 21.14 -0.68 -17.47
CA ARG A 83 19.98 0.15 -17.72
C ARG A 83 20.31 1.26 -18.73
N GLU A 84 21.48 1.89 -18.57
CA GLU A 84 21.83 2.99 -19.45
C GLU A 84 22.09 2.50 -20.86
N LEU A 85 23.00 1.53 -21.02
CA LEU A 85 23.50 1.15 -22.33
C LEU A 85 22.61 0.12 -23.02
N LEU A 86 22.11 -0.86 -22.29
CA LEU A 86 21.08 -1.76 -22.77
C LEU A 86 19.71 -1.23 -22.35
N GLY A 87 18.67 -1.99 -22.67
CA GLY A 87 17.35 -1.53 -22.32
C GLY A 87 16.81 -2.09 -21.03
N GLN A 88 17.70 -2.49 -20.13
CA GLN A 88 17.25 -3.24 -18.97
C GLN A 88 16.29 -2.40 -18.13
N ILE A 89 15.15 -3.00 -17.77
CA ILE A 89 14.17 -2.36 -16.90
C ILE A 89 14.56 -2.63 -15.45
N VAL A 90 14.62 -1.60 -14.63
CA VAL A 90 15.06 -1.73 -13.25
C VAL A 90 13.87 -1.40 -12.35
N MET A 91 13.47 -2.37 -11.53
CA MET A 91 12.37 -2.28 -10.60
C MET A 91 12.93 -2.34 -9.17
N THR A 92 12.42 -1.48 -8.30
CA THR A 92 12.96 -1.35 -6.96
C THR A 92 11.96 -1.82 -5.90
N ILE A 93 12.47 -2.52 -4.90
CA ILE A 93 11.71 -2.91 -3.72
C ILE A 93 12.48 -2.43 -2.49
N PHE A 94 11.88 -1.55 -1.71
CA PHE A 94 12.49 -1.03 -0.49
C PHE A 94 11.93 -1.81 0.69
N TYR A 95 12.73 -2.71 1.23
CA TYR A 95 12.24 -3.65 2.23
C TYR A 95 12.66 -3.17 3.61
N GLU A 96 11.71 -2.60 4.34
CA GLU A 96 11.97 -2.09 5.68
C GLU A 96 13.18 -1.16 5.67
N VAL A 97 13.25 -0.32 4.62
CA VAL A 97 14.30 0.68 4.46
C VAL A 97 13.74 1.86 3.67
N ASP A 98 14.22 3.06 4.02
CA ASP A 98 13.70 4.31 3.47
C ASP A 98 14.49 4.73 2.24
N PRO A 99 13.81 5.27 1.22
CA PRO A 99 14.56 5.64 0.00
C PRO A 99 15.66 6.67 0.21
N THR A 100 15.42 7.70 1.04
CA THR A 100 16.46 8.71 1.25
C THR A 100 17.61 8.18 2.10
N ASP A 101 17.35 7.24 3.00
CA ASP A 101 18.48 6.59 3.67
C ASP A 101 19.41 5.93 2.66
N ILE A 102 18.87 5.46 1.53
CA ILE A 102 19.72 4.93 0.47
C ILE A 102 20.39 6.06 -0.31
N LYS A 103 19.62 7.14 -0.64
CA LYS A 103 20.09 8.29 -1.43
C LYS A 103 21.16 9.14 -0.71
N LYS A 104 21.01 9.32 0.61
CA LYS A 104 21.90 10.10 1.48
C LYS A 104 23.00 9.28 2.18
N GLN A 105 23.10 7.99 1.87
CA GLN A 105 24.13 7.09 2.39
C GLN A 105 24.16 7.18 3.91
N THR A 106 22.96 7.20 4.50
CA THR A 106 22.85 7.34 5.94
C THR A 106 21.91 6.32 6.60
N GLY A 107 21.55 6.57 7.86
CA GLY A 107 20.79 5.64 8.66
C GLY A 107 21.64 4.43 9.00
N GLU A 108 20.96 3.34 9.36
CA GLU A 108 21.68 2.10 9.60
C GLU A 108 22.24 1.57 8.29
N PHE A 109 21.53 1.78 7.20
CA PHE A 109 22.04 1.39 5.89
C PHE A 109 23.38 2.06 5.60
N GLY A 110 23.47 3.35 5.91
CA GLY A 110 24.69 4.07 5.59
C GLY A 110 25.89 3.59 6.38
N LYS A 111 25.71 3.34 7.67
CA LYS A 111 26.84 2.86 8.47
C LYS A 111 27.30 1.48 8.01
N ALA A 112 26.38 0.66 7.50
CA ALA A 112 26.81 -0.61 6.91
C ALA A 112 27.60 -0.36 5.63
N PHE A 113 27.22 0.69 4.88
CA PHE A 113 27.96 1.04 3.68
C PHE A 113 29.36 1.56 4.01
N THR A 114 29.47 2.49 4.96
CA THR A 114 30.76 3.12 5.20
C THR A 114 31.78 2.10 5.66
N LYS A 115 31.35 1.00 6.32
CA LYS A 115 32.34 0.00 6.72
C LYS A 115 32.81 -0.82 5.53
N THR A 116 31.90 -1.16 4.61
CA THR A 116 32.32 -1.90 3.43
C THR A 116 33.23 -1.10 2.51
N CYS A 117 33.41 0.19 2.76
CA CYS A 117 34.29 1.02 1.94
C CYS A 117 35.71 1.10 2.49
N LYS A 118 35.93 0.66 3.73
CA LYS A 118 37.25 0.76 4.33
C LYS A 118 38.25 -0.12 3.60
N GLY A 119 39.40 0.47 3.27
CA GLY A 119 40.39 -0.25 2.51
C GLY A 119 40.03 -0.45 1.06
N LYS A 120 39.34 0.53 0.46
CA LYS A 120 38.98 0.51 -0.94
C LYS A 120 39.42 1.81 -1.59
N THR A 121 40.00 1.70 -2.78
CA THR A 121 40.36 2.87 -3.55
C THR A 121 39.14 3.78 -3.64
N LYS A 122 39.39 5.09 -3.66
CA LYS A 122 38.29 6.04 -3.76
C LYS A 122 37.46 5.80 -5.00
N GLU A 123 37.92 4.95 -5.93
CA GLU A 123 37.17 4.76 -7.16
C GLU A 123 36.03 3.76 -6.96
N TYR A 124 36.27 2.71 -6.17
CA TYR A 124 35.19 1.81 -5.82
C TYR A 124 34.09 2.56 -5.09
N VAL A 125 34.49 3.40 -4.13
CA VAL A 125 33.54 4.00 -3.19
C VAL A 125 32.43 4.73 -3.94
N GLU A 126 32.81 5.61 -4.87
CA GLU A 126 31.83 6.45 -5.55
C GLU A 126 31.12 5.74 -6.70
N ARG A 127 31.75 4.74 -7.30
CA ARG A 127 31.00 3.91 -8.23
C ARG A 127 29.82 3.28 -7.52
N TRP A 128 30.02 2.85 -6.28
CA TRP A 128 28.92 2.36 -5.47
C TRP A 128 27.98 3.50 -5.07
N ARG A 129 28.55 4.62 -4.60
CA ARG A 129 27.73 5.71 -4.08
C ARG A 129 26.74 6.21 -5.13
N LYS A 130 27.23 6.53 -6.33
CA LYS A 130 26.30 7.00 -7.35
C LYS A 130 25.24 5.94 -7.68
N ALA A 131 25.64 4.67 -7.67
CA ALA A 131 24.67 3.62 -7.94
C ALA A 131 23.54 3.69 -6.93
N LEU A 132 23.89 3.90 -5.65
CA LEU A 132 22.86 4.07 -4.63
C LEU A 132 22.08 5.35 -4.89
N GLU A 133 22.78 6.43 -5.22
CA GLU A 133 22.11 7.67 -5.60
C GLU A 133 21.11 7.42 -6.71
N ASP A 134 21.54 6.69 -7.75
CA ASP A 134 20.68 6.53 -8.93
C ASP A 134 19.51 5.61 -8.64
N VAL A 135 19.77 4.46 -8.03
CA VAL A 135 18.69 3.51 -7.81
C VAL A 135 17.66 4.07 -6.83
N ALA A 136 18.07 4.94 -5.91
CA ALA A 136 17.17 5.49 -4.90
C ALA A 136 16.12 6.44 -5.47
N THR A 137 16.26 6.89 -6.70
CA THR A 137 15.27 7.79 -7.28
C THR A 137 14.35 7.07 -8.25
N ILE A 138 14.47 5.76 -8.38
CA ILE A 138 13.56 4.96 -9.19
C ILE A 138 12.33 4.59 -8.37
N ALA A 139 11.17 5.03 -8.81
CA ALA A 139 9.92 4.71 -8.13
C ALA A 139 9.77 3.20 -8.00
N GLY A 140 9.44 2.73 -6.81
CA GLY A 140 9.30 1.30 -6.56
C GLY A 140 8.31 1.01 -5.46
N TYR A 141 8.51 -0.10 -4.77
CA TYR A 141 7.57 -0.61 -3.79
C TYR A 141 8.19 -0.52 -2.41
N HIS A 142 7.52 0.19 -1.50
CA HIS A 142 7.96 0.36 -0.12
C HIS A 142 7.19 -0.60 0.77
N SER A 143 7.92 -1.50 1.46
CA SER A 143 7.27 -2.57 2.21
C SER A 143 6.50 -2.02 3.40
N HIS A 144 7.06 -1.02 4.09
CA HIS A 144 6.37 -0.45 5.26
C HIS A 144 4.98 0.07 4.91
N LYS A 145 4.75 0.50 3.68
CA LYS A 145 3.44 1.03 3.36
C LYS A 145 2.39 -0.05 3.13
N TRP A 146 2.80 -1.31 3.15
CA TRP A 146 1.90 -2.44 2.90
C TRP A 146 1.63 -3.13 4.23
N ARG A 147 0.39 -3.57 4.42
CA ARG A 147 0.01 -4.28 5.64
C ARG A 147 -0.02 -5.80 5.44
N ASN A 148 -0.28 -6.27 4.23
CA ASN A 148 -0.28 -7.71 3.91
C ASN A 148 0.76 -7.95 2.80
N GLU A 149 1.92 -8.47 3.20
CA GLU A 149 3.02 -8.67 2.25
C GLU A 149 2.64 -9.59 1.11
N ALA A 150 1.80 -10.60 1.37
CA ALA A 150 1.44 -11.53 0.32
C ALA A 150 0.80 -10.81 -0.85
N ASP A 151 -0.08 -9.83 -0.55
CA ASP A 151 -0.68 -9.00 -1.61
C ASP A 151 0.38 -8.16 -2.32
N MET A 152 1.36 -7.64 -1.58
CA MET A 152 2.45 -6.91 -2.22
C MET A 152 3.16 -7.80 -3.25
N ILE A 153 3.52 -9.01 -2.85
CA ILE A 153 4.17 -9.93 -3.78
C ILE A 153 3.28 -10.14 -5.01
N GLU A 154 1.97 -10.30 -4.80
CA GLU A 154 1.08 -10.50 -5.93
C GLU A 154 1.06 -9.27 -6.84
N LYS A 155 1.12 -8.08 -6.26
CA LYS A 155 1.19 -6.87 -7.05
C LYS A 155 2.49 -6.82 -7.85
N ILE A 156 3.62 -7.18 -7.22
CA ILE A 156 4.92 -7.17 -7.91
C ILE A 156 4.95 -8.19 -9.04
N ALA A 157 4.52 -9.41 -8.77
CA ALA A 157 4.58 -10.43 -9.80
C ALA A 157 3.68 -10.08 -10.99
N THR A 158 2.59 -9.36 -10.73
CA THR A 158 1.68 -8.97 -11.81
C THR A 158 2.24 -7.85 -12.65
N ASP A 159 2.92 -6.89 -12.02
CA ASP A 159 3.58 -5.81 -12.76
C ASP A 159 4.69 -6.36 -13.66
N VAL A 160 5.50 -7.28 -13.14
CA VAL A 160 6.56 -7.88 -13.94
C VAL A 160 5.99 -8.57 -15.16
N SER A 161 4.91 -9.34 -14.97
CA SER A 161 4.29 -10.00 -16.11
C SER A 161 3.87 -8.97 -17.15
N ASN A 162 3.21 -7.91 -16.72
CA ASN A 162 2.76 -6.89 -17.65
C ASN A 162 3.94 -6.29 -18.39
N MET A 163 4.97 -5.87 -17.64
CA MET A 163 6.13 -5.23 -18.25
C MET A 163 6.78 -6.14 -19.29
N LEU A 164 6.74 -7.45 -19.07
CA LEU A 164 7.30 -8.39 -20.03
C LEU A 164 6.45 -8.52 -21.27
N ASN A 165 5.36 -7.78 -21.40
CA ASN A 165 4.55 -7.76 -22.62
C ASN A 165 4.28 -6.32 -23.10
N LYS B 1 -13.99 12.85 -23.30
CA LYS B 1 -13.12 11.72 -23.62
C LYS B 1 -12.09 12.13 -24.69
N HIS B 2 -10.90 12.52 -24.25
CA HIS B 2 -9.86 13.01 -25.14
C HIS B 2 -8.59 12.17 -24.99
N HIS B 3 -7.68 12.36 -25.96
CA HIS B 3 -6.48 11.53 -26.03
C HIS B 3 -5.41 12.00 -25.05
N VAL B 4 -5.12 13.30 -25.04
CA VAL B 4 -4.03 13.86 -24.24
C VAL B 4 -4.44 15.25 -23.79
N PHE B 5 -4.09 15.59 -22.56
CA PHE B 5 -4.43 16.90 -21.99
C PHE B 5 -3.17 17.62 -21.59
N PRO B 6 -2.83 18.74 -22.29
CA PRO B 6 -1.64 19.52 -21.88
C PRO B 6 -1.94 20.57 -20.83
N SER B 7 -1.15 20.60 -19.76
CA SER B 7 -1.22 21.67 -18.75
C SER B 7 0.06 22.49 -18.88
N PHE B 8 -0.10 23.80 -19.02
CA PHE B 8 1.01 24.68 -19.39
C PHE B 8 0.67 26.10 -18.95
N HIS B 9 1.70 26.94 -18.86
CA HIS B 9 1.51 28.38 -18.63
C HIS B 9 1.75 29.06 -19.98
N GLY B 10 0.66 29.43 -20.65
CA GLY B 10 0.77 29.87 -22.02
C GLY B 10 1.76 31.01 -22.24
N ALA B 11 1.73 32.02 -21.37
CA ALA B 11 2.65 33.14 -21.51
C ALA B 11 4.10 32.67 -21.58
N ASP B 12 4.41 31.54 -20.93
CA ASP B 12 5.78 31.02 -20.99
C ASP B 12 6.02 30.24 -22.27
N VAL B 13 5.03 29.52 -22.79
CA VAL B 13 5.31 28.52 -23.80
C VAL B 13 4.26 28.41 -24.90
N ARG B 14 3.11 29.06 -24.73
CA ARG B 14 2.03 28.83 -25.67
C ARG B 14 2.50 28.99 -27.10
N LYS B 15 3.04 30.17 -27.42
CA LYS B 15 3.38 30.52 -28.81
C LYS B 15 4.57 29.71 -29.32
N THR B 16 5.47 29.30 -28.43
CA THR B 16 6.69 28.64 -28.83
C THR B 16 6.61 27.12 -28.72
N ILE B 17 7.22 26.57 -27.67
CA ILE B 17 7.44 25.13 -27.60
C ILE B 17 6.14 24.35 -27.61
N LEU B 18 5.08 24.89 -27.03
CA LEU B 18 3.80 24.20 -27.06
C LEU B 18 3.31 24.02 -28.50
N SER B 19 3.52 25.03 -29.34
CA SER B 19 3.08 24.91 -30.73
C SER B 19 3.76 23.75 -31.43
N HIS B 20 5.08 23.62 -31.22
CA HIS B 20 5.80 22.53 -31.88
C HIS B 20 5.38 21.18 -31.33
N ILE B 21 5.21 21.06 -30.01
CA ILE B 21 4.78 19.81 -29.42
C ILE B 21 3.46 19.36 -30.05
N LEU B 22 2.50 20.28 -30.15
CA LEU B 22 1.21 19.96 -30.75
C LEU B 22 1.34 19.65 -32.24
N GLU B 23 2.32 20.27 -32.93
CA GLU B 23 2.54 19.91 -34.34
C GLU B 23 3.12 18.50 -34.46
N SER B 24 4.01 18.10 -33.54
CA SER B 24 4.44 16.71 -33.53
C SER B 24 3.26 15.77 -33.33
N PHE B 25 2.37 16.10 -32.37
CA PHE B 25 1.24 15.23 -32.07
C PHE B 25 0.38 15.02 -33.32
N ARG B 26 -0.04 16.11 -33.95
CA ARG B 26 -0.90 15.94 -35.11
C ARG B 26 -0.21 15.14 -36.19
N ARG B 27 1.08 15.34 -36.36
CA ARG B 27 1.81 14.54 -37.34
C ARG B 27 1.70 13.05 -37.07
N LYS B 28 1.74 12.66 -35.82
CA LYS B 28 1.70 11.27 -35.44
C LYS B 28 0.30 10.75 -35.17
N GLY B 29 -0.74 11.55 -35.44
CA GLY B 29 -2.09 11.08 -35.21
C GLY B 29 -2.55 11.19 -33.77
N ILE B 30 -1.78 11.85 -32.91
CA ILE B 30 -2.15 12.08 -31.53
C ILE B 30 -3.17 13.21 -31.46
N ASP B 31 -4.19 13.02 -30.62
CA ASP B 31 -5.29 13.98 -30.49
C ASP B 31 -5.22 14.74 -29.17
N PRO B 32 -4.63 15.92 -29.15
CA PRO B 32 -4.60 16.72 -27.93
C PRO B 32 -5.94 17.41 -27.69
N PHE B 33 -6.07 17.97 -26.49
CA PHE B 33 -7.17 18.84 -26.14
C PHE B 33 -6.72 20.28 -26.37
N ILE B 34 -7.49 21.03 -27.15
CA ILE B 34 -7.13 22.41 -27.47
C ILE B 34 -8.15 23.30 -26.78
N ASP B 35 -7.68 24.08 -25.80
CA ASP B 35 -8.58 24.96 -25.06
C ASP B 35 -9.23 25.98 -25.98
N ASN B 36 -8.47 26.49 -26.95
CA ASN B 36 -9.02 27.43 -27.91
C ASN B 36 -10.22 26.88 -28.68
N ASN B 37 -10.52 25.59 -28.58
CA ASN B 37 -11.65 24.98 -29.26
C ASN B 37 -12.85 24.80 -28.33
N ILE B 38 -12.78 25.34 -27.10
CA ILE B 38 -13.96 25.36 -26.25
C ILE B 38 -15.03 26.20 -26.90
N GLU B 39 -16.22 25.63 -27.08
CA GLU B 39 -17.34 26.38 -27.61
C GLU B 39 -17.57 27.63 -26.77
N ARG B 40 -17.73 28.78 -27.43
CA ARG B 40 -18.01 30.03 -26.73
C ARG B 40 -19.41 29.96 -26.15
N SER B 41 -19.57 30.53 -24.95
CA SER B 41 -20.79 30.45 -24.14
C SER B 41 -20.52 29.60 -22.90
N LYS B 42 -19.57 28.65 -23.01
CA LYS B 42 -19.33 27.66 -21.97
C LYS B 42 -18.42 28.21 -20.87
N SER B 43 -18.67 27.76 -19.65
CA SER B 43 -17.76 28.06 -18.55
C SER B 43 -16.44 27.31 -18.74
N ILE B 44 -15.33 28.03 -18.62
CA ILE B 44 -14.05 27.42 -18.98
C ILE B 44 -13.61 26.42 -17.93
N GLY B 45 -13.84 26.71 -16.66
CA GLY B 45 -13.34 25.80 -15.65
C GLY B 45 -14.06 24.48 -15.62
N HIS B 46 -15.31 24.44 -16.10
CA HIS B 46 -16.03 23.17 -16.16
C HIS B 46 -15.58 22.33 -17.35
N GLU B 47 -15.22 22.98 -18.46
CA GLU B 47 -14.73 22.25 -19.61
C GLU B 47 -13.35 21.68 -19.37
N LEU B 48 -12.54 22.37 -18.57
CA LEU B 48 -11.22 21.85 -18.25
C LEU B 48 -11.30 20.63 -17.33
N LYS B 49 -12.16 20.66 -16.30
CA LYS B 49 -12.23 19.50 -15.42
C LYS B 49 -12.71 18.29 -16.21
N GLU B 50 -13.72 18.48 -17.07
CA GLU B 50 -14.24 17.37 -17.85
C GLU B 50 -13.22 16.85 -18.84
N ALA B 51 -12.39 17.74 -19.40
CA ALA B 51 -11.38 17.32 -20.36
C ALA B 51 -10.29 16.51 -19.67
N ILE B 52 -9.92 16.89 -18.44
CA ILE B 52 -8.92 16.12 -17.69
C ILE B 52 -9.42 14.71 -17.40
N LYS B 53 -10.64 14.61 -16.87
CA LYS B 53 -11.19 13.31 -16.50
C LYS B 53 -11.14 12.34 -17.67
N GLY B 54 -11.24 12.87 -18.89
CA GLY B 54 -11.33 12.09 -20.09
C GLY B 54 -10.03 11.89 -20.82
N SER B 55 -8.91 12.27 -20.22
CA SER B 55 -7.62 12.13 -20.87
C SER B 55 -6.88 10.92 -20.33
N LYS B 56 -6.46 10.04 -21.24
CA LYS B 56 -5.64 8.89 -20.85
C LYS B 56 -4.30 9.36 -20.31
N ILE B 57 -3.67 10.30 -21.00
CA ILE B 57 -2.38 10.86 -20.64
C ILE B 57 -2.58 12.34 -20.35
N ALA B 58 -1.80 12.87 -19.42
CA ALA B 58 -1.76 14.29 -19.14
C ALA B 58 -0.31 14.73 -19.18
N ILE B 59 -0.02 15.77 -19.95
CA ILE B 59 1.32 16.33 -20.10
C ILE B 59 1.35 17.62 -19.30
N VAL B 60 2.13 17.66 -18.23
CA VAL B 60 2.25 18.84 -17.39
C VAL B 60 3.52 19.57 -17.82
N LEU B 61 3.37 20.68 -18.51
CA LEU B 61 4.50 21.46 -19.02
C LEU B 61 4.84 22.52 -17.99
N LEU B 62 5.80 22.21 -17.14
CA LEU B 62 6.12 23.06 -16.01
C LEU B 62 7.12 24.10 -16.47
N SER B 63 6.91 25.34 -16.04
CA SER B 63 7.74 26.45 -16.45
C SER B 63 7.93 27.39 -15.27
N LYS B 64 8.88 28.31 -15.41
CA LYS B 64 9.26 29.17 -14.29
C LYS B 64 8.07 29.88 -13.70
N ASN B 65 7.13 30.32 -14.53
CA ASN B 65 6.00 31.11 -14.08
C ASN B 65 4.71 30.30 -13.98
N TYR B 66 4.81 28.97 -14.07
CA TYR B 66 3.62 28.13 -14.01
C TYR B 66 2.75 28.42 -12.80
N ALA B 67 3.37 28.65 -11.64
CA ALA B 67 2.60 28.85 -10.41
C ALA B 67 2.08 30.27 -10.24
N SER B 68 2.35 31.17 -11.18
CA SER B 68 1.75 32.50 -11.12
C SER B 68 0.27 32.46 -11.52
N SER B 69 -0.20 31.38 -12.14
CA SER B 69 -1.57 31.25 -12.62
C SER B 69 -2.31 30.23 -11.79
N SER B 70 -3.42 30.66 -11.18
CA SER B 70 -4.27 29.74 -10.45
C SER B 70 -5.01 28.79 -11.39
N TRP B 71 -5.12 29.12 -12.67
CA TRP B 71 -5.61 28.16 -13.64
C TRP B 71 -4.66 26.97 -13.75
N CYS B 72 -3.36 27.25 -13.81
CA CYS B 72 -2.38 26.19 -13.96
C CYS B 72 -2.32 25.33 -12.71
N LEU B 73 -2.46 25.94 -11.53
CA LEU B 73 -2.40 25.16 -10.29
C LEU B 73 -3.68 24.37 -10.05
N ASP B 74 -4.83 24.97 -10.34
CA ASP B 74 -6.08 24.23 -10.20
C ASP B 74 -6.10 23.02 -11.12
N GLU B 75 -5.54 23.14 -12.32
CA GLU B 75 -5.45 21.98 -13.20
C GLU B 75 -4.56 20.90 -12.61
N LEU B 76 -3.39 21.28 -12.10
CA LEU B 76 -2.45 20.30 -11.56
C LEU B 76 -3.10 19.50 -10.45
N ALA B 77 -3.83 20.18 -9.55
CA ALA B 77 -4.50 19.46 -8.46
C ALA B 77 -5.55 18.49 -9.00
N GLU B 78 -6.22 18.85 -10.09
CA GLU B 78 -7.20 17.96 -10.69
C GLU B 78 -6.52 16.78 -11.38
N ILE B 79 -5.35 16.98 -11.99
CA ILE B 79 -4.66 15.89 -12.68
C ILE B 79 -4.14 14.87 -11.66
N MET B 80 -3.50 15.35 -10.60
CA MET B 80 -3.09 14.43 -9.56
C MET B 80 -4.28 13.68 -8.96
N LYS B 81 -5.44 14.33 -8.90
CA LYS B 81 -6.65 13.66 -8.46
C LYS B 81 -7.03 12.54 -9.41
N CYS B 82 -6.80 12.73 -10.72
CA CYS B 82 -7.15 11.73 -11.71
C CYS B 82 -6.07 10.67 -11.83
N ARG B 83 -4.82 11.04 -11.56
CA ARG B 83 -3.76 10.03 -11.54
C ARG B 83 -4.04 8.96 -10.51
N GLU B 84 -4.39 9.36 -9.31
CA GLU B 84 -4.57 8.38 -8.23
C GLU B 84 -5.83 7.54 -8.44
N LEU B 85 -6.97 8.18 -8.66
CA LEU B 85 -8.25 7.48 -8.67
C LEU B 85 -8.56 6.84 -10.02
N LEU B 86 -8.26 7.51 -11.11
CA LEU B 86 -8.36 6.92 -12.43
C LEU B 86 -6.99 6.35 -12.81
N GLY B 87 -6.86 5.86 -14.04
CA GLY B 87 -5.56 5.33 -14.44
C GLY B 87 -4.68 6.33 -15.18
N GLN B 88 -4.93 7.63 -14.94
CA GLN B 88 -4.31 8.65 -15.76
C GLN B 88 -2.79 8.61 -15.64
N ILE B 89 -2.13 8.62 -16.79
CA ILE B 89 -0.67 8.68 -16.86
C ILE B 89 -0.27 10.15 -16.87
N VAL B 90 0.68 10.52 -16.01
CA VAL B 90 1.14 11.91 -15.88
C VAL B 90 2.60 11.96 -16.34
N MET B 91 2.85 12.77 -17.37
CA MET B 91 4.17 13.00 -17.94
C MET B 91 4.58 14.44 -17.69
N THR B 92 5.82 14.64 -17.28
CA THR B 92 6.29 15.95 -16.87
C THR B 92 7.36 16.47 -17.82
N ILE B 93 7.29 17.76 -18.12
CA ILE B 93 8.31 18.48 -18.88
C ILE B 93 8.78 19.65 -18.04
N PHE B 94 10.05 19.65 -17.66
CA PHE B 94 10.63 20.75 -16.88
C PHE B 94 11.33 21.71 -17.84
N TYR B 95 10.68 22.84 -18.11
CA TYR B 95 11.15 23.76 -19.14
C TYR B 95 11.86 24.92 -18.45
N GLU B 96 13.20 24.88 -18.50
CA GLU B 96 13.99 25.93 -17.89
C GLU B 96 13.55 26.15 -16.44
N VAL B 97 13.33 25.06 -15.71
CA VAL B 97 12.97 25.10 -14.30
C VAL B 97 13.53 23.86 -13.63
N ASP B 98 13.93 24.00 -12.36
CA ASP B 98 14.56 22.89 -11.66
C ASP B 98 13.53 22.06 -10.90
N PRO B 99 13.66 20.74 -10.92
CA PRO B 99 12.61 19.92 -10.27
C PRO B 99 12.44 20.16 -8.78
N THR B 100 13.54 20.25 -8.03
CA THR B 100 13.43 20.47 -6.58
C THR B 100 12.98 21.90 -6.29
N ASP B 101 13.34 22.85 -7.16
CA ASP B 101 12.87 24.22 -7.01
C ASP B 101 11.34 24.28 -6.99
N ILE B 102 10.68 23.38 -7.73
CA ILE B 102 9.22 23.29 -7.65
C ILE B 102 8.80 22.52 -6.39
N LYS B 103 9.52 21.46 -6.04
CA LYS B 103 9.10 20.63 -4.92
C LYS B 103 8.98 21.45 -3.65
N LYS B 104 9.94 22.32 -3.38
CA LYS B 104 9.92 23.16 -2.20
C LYS B 104 9.45 24.57 -2.48
N GLN B 105 9.01 24.85 -3.70
CA GLN B 105 8.49 26.16 -4.05
C GLN B 105 9.42 27.27 -3.56
N THR B 106 10.68 27.18 -3.97
CA THR B 106 11.70 28.14 -3.57
C THR B 106 12.37 28.65 -4.85
N GLY B 107 13.46 29.40 -4.70
CA GLY B 107 14.02 29.94 -5.91
C GLY B 107 13.10 30.98 -6.56
N GLU B 108 13.30 31.17 -7.86
CA GLU B 108 12.45 32.09 -8.60
C GLU B 108 11.03 31.55 -8.76
N PHE B 109 10.87 30.23 -8.95
CA PHE B 109 9.54 29.64 -9.03
C PHE B 109 8.75 29.90 -7.73
N GLY B 110 9.41 29.75 -6.59
CA GLY B 110 8.70 29.88 -5.32
C GLY B 110 8.17 31.28 -5.08
N LYS B 111 8.94 32.30 -5.45
CA LYS B 111 8.47 33.67 -5.26
C LYS B 111 7.19 33.91 -6.05
N ALA B 112 7.05 33.26 -7.20
CA ALA B 112 5.82 33.36 -7.96
C ALA B 112 4.67 32.64 -7.29
N PHE B 113 4.95 31.51 -6.62
CA PHE B 113 3.88 30.76 -5.97
C PHE B 113 3.32 31.52 -4.77
N THR B 114 4.19 31.98 -3.88
CA THR B 114 3.72 32.61 -2.65
C THR B 114 2.89 33.86 -2.91
N LYS B 115 3.09 34.51 -4.04
CA LYS B 115 2.28 35.68 -4.38
C LYS B 115 0.84 35.30 -4.73
N THR B 116 0.68 34.21 -5.50
CA THR B 116 -0.63 33.70 -5.89
C THR B 116 -1.44 33.13 -4.73
N CYS B 117 -0.87 33.03 -3.54
CA CYS B 117 -1.57 32.51 -2.37
C CYS B 117 -2.28 33.60 -1.57
N LYS B 118 -2.01 34.87 -1.88
CA LYS B 118 -2.63 35.97 -1.17
C LYS B 118 -4.14 36.00 -1.41
N GLY B 119 -4.89 36.08 -0.32
CA GLY B 119 -6.34 36.00 -0.38
C GLY B 119 -6.84 34.61 -0.68
N LYS B 120 -6.12 33.57 -0.22
CA LYS B 120 -6.53 32.19 -0.38
C LYS B 120 -6.38 31.50 0.97
N THR B 121 -7.39 30.73 1.37
CA THR B 121 -7.30 29.93 2.59
C THR B 121 -6.03 29.08 2.56
N LYS B 122 -5.42 28.91 3.73
CA LYS B 122 -4.23 28.09 3.81
C LYS B 122 -4.46 26.65 3.37
N GLU B 123 -5.72 26.22 3.24
CA GLU B 123 -6.01 24.84 2.85
C GLU B 123 -6.07 24.66 1.34
N TYR B 124 -6.67 25.61 0.63
CA TYR B 124 -6.55 25.61 -0.83
C TYR B 124 -5.09 25.76 -1.22
N VAL B 125 -4.37 26.66 -0.55
CA VAL B 125 -2.97 26.92 -0.88
C VAL B 125 -2.18 25.62 -0.88
N GLU B 126 -2.36 24.82 0.17
CA GLU B 126 -1.55 23.61 0.34
C GLU B 126 -2.06 22.47 -0.53
N ARG B 127 -3.34 22.50 -0.93
CA ARG B 127 -3.81 21.59 -1.97
C ARG B 127 -3.01 21.80 -3.25
N TRP B 128 -2.65 23.04 -3.55
CA TRP B 128 -1.72 23.31 -4.63
C TRP B 128 -0.34 22.77 -4.29
N ARG B 129 0.12 23.04 -3.07
CA ARG B 129 1.49 22.66 -2.68
C ARG B 129 1.70 21.17 -2.79
N LYS B 130 0.81 20.36 -2.24
CA LYS B 130 1.00 18.92 -2.35
C LYS B 130 1.03 18.49 -3.81
N ALA B 131 0.21 19.13 -4.66
CA ALA B 131 0.27 18.82 -6.09
C ALA B 131 1.66 19.12 -6.64
N LEU B 132 2.23 20.26 -6.23
CA LEU B 132 3.59 20.57 -6.64
C LEU B 132 4.58 19.61 -5.98
N GLU B 133 4.40 19.30 -4.70
CA GLU B 133 5.27 18.31 -4.06
C GLU B 133 5.27 17.00 -4.85
N ASP B 134 4.09 16.50 -5.21
CA ASP B 134 3.99 15.19 -5.83
C ASP B 134 4.49 15.20 -7.27
N VAL B 135 4.02 16.16 -8.08
CA VAL B 135 4.36 16.17 -9.50
C VAL B 135 5.86 16.38 -9.69
N ALA B 136 6.52 17.05 -8.74
CA ALA B 136 7.96 17.28 -8.86
C ALA B 136 8.78 16.00 -8.73
N THR B 137 8.18 14.90 -8.28
CA THR B 137 8.89 13.63 -8.14
C THR B 137 8.54 12.64 -9.24
N ILE B 138 7.74 13.01 -10.22
CA ILE B 138 7.51 12.17 -11.40
C ILE B 138 8.64 12.40 -12.40
N ALA B 139 9.42 11.37 -12.66
CA ALA B 139 10.51 11.46 -13.61
C ALA B 139 10.02 11.93 -14.98
N GLY B 140 10.70 12.91 -15.56
CA GLY B 140 10.28 13.50 -16.82
C GLY B 140 11.46 13.99 -17.64
N TYR B 141 11.20 15.00 -18.45
CA TYR B 141 12.14 15.50 -19.44
C TYR B 141 12.58 16.89 -19.03
N HIS B 142 13.89 17.09 -18.85
CA HIS B 142 14.45 18.37 -18.45
C HIS B 142 15.02 19.05 -19.68
N SER B 143 14.49 20.23 -20.01
CA SER B 143 14.88 20.89 -21.24
C SER B 143 16.33 21.35 -21.19
N HIS B 144 16.81 21.82 -20.03
CA HIS B 144 18.16 22.35 -19.96
C HIS B 144 19.18 21.30 -20.36
N LYS B 145 18.85 20.04 -20.16
CA LYS B 145 19.78 18.96 -20.44
C LYS B 145 19.81 18.57 -21.91
N TRP B 146 18.98 19.18 -22.75
CA TRP B 146 18.92 18.81 -24.15
C TRP B 146 19.65 19.84 -25.00
N ARG B 147 20.31 19.37 -26.07
CA ARG B 147 21.11 20.20 -26.97
C ARG B 147 20.27 20.77 -28.10
N ASN B 148 19.22 20.04 -28.51
CA ASN B 148 18.35 20.46 -29.61
C ASN B 148 16.90 20.22 -29.21
N GLU B 149 16.12 21.31 -29.13
CA GLU B 149 14.74 21.18 -28.70
C GLU B 149 13.91 20.35 -29.68
N ALA B 150 14.18 20.47 -30.97
CA ALA B 150 13.38 19.74 -31.95
C ALA B 150 13.47 18.24 -31.71
N ASP B 151 14.68 17.73 -31.45
CA ASP B 151 14.84 16.31 -31.19
C ASP B 151 14.14 15.91 -29.89
N MET B 152 14.17 16.78 -28.89
CA MET B 152 13.45 16.51 -27.65
C MET B 152 11.96 16.30 -27.91
N ILE B 153 11.36 17.21 -28.69
CA ILE B 153 9.94 17.07 -29.03
C ILE B 153 9.68 15.73 -29.72
N GLU B 154 10.56 15.33 -30.64
CA GLU B 154 10.37 14.05 -31.30
C GLU B 154 10.48 12.88 -30.31
N LYS B 155 11.36 13.00 -29.33
CA LYS B 155 11.43 11.98 -28.29
C LYS B 155 10.15 11.95 -27.47
N ILE B 156 9.62 13.13 -27.12
CA ILE B 156 8.42 13.18 -26.32
C ILE B 156 7.24 12.60 -27.09
N ALA B 157 7.08 13.00 -28.36
CA ALA B 157 5.94 12.53 -29.12
C ALA B 157 6.00 11.02 -29.31
N THR B 158 7.20 10.45 -29.35
CA THR B 158 7.33 9.01 -29.51
C THR B 158 6.99 8.29 -28.23
N ASP B 159 7.40 8.84 -27.08
CA ASP B 159 7.04 8.25 -25.79
C ASP B 159 5.52 8.27 -25.60
N VAL B 160 4.88 9.39 -25.91
CA VAL B 160 3.43 9.50 -25.80
C VAL B 160 2.74 8.49 -26.70
N SER B 161 3.23 8.38 -27.95
CA SER B 161 2.61 7.43 -28.87
C SER B 161 2.69 6.00 -28.34
N ASN B 162 3.88 5.59 -27.87
CA ASN B 162 4.01 4.24 -27.35
C ASN B 162 3.08 4.04 -26.16
N MET B 163 3.12 4.97 -25.21
CA MET B 163 2.28 4.84 -24.03
C MET B 163 0.79 4.74 -24.37
N LEU B 164 0.36 5.32 -25.49
CA LEU B 164 -1.08 5.31 -25.82
C LEU B 164 -1.47 3.87 -26.08
N ASN B 165 -1.72 3.16 -24.99
CA ASN B 165 -2.22 1.78 -24.98
C ASN B 165 -3.46 1.68 -24.09
N HIS C 3 -18.96 -5.28 -3.66
CA HIS C 3 -20.24 -4.59 -3.66
C HIS C 3 -20.20 -3.34 -2.80
N VAL C 4 -19.93 -3.50 -1.52
CA VAL C 4 -20.15 -2.46 -0.53
C VAL C 4 -18.97 -2.34 0.40
N PHE C 5 -18.64 -1.12 0.79
CA PHE C 5 -17.58 -0.83 1.75
C PHE C 5 -18.19 -0.09 2.92
N PRO C 6 -18.33 -0.72 4.10
CA PRO C 6 -18.85 0.02 5.27
C PRO C 6 -17.76 0.76 6.02
N SER C 7 -17.98 2.04 6.33
CA SER C 7 -17.05 2.81 7.14
C SER C 7 -17.74 3.11 8.48
N PHE C 8 -17.05 2.79 9.56
CA PHE C 8 -17.65 2.84 10.89
C PHE C 8 -16.55 3.00 11.92
N HIS C 9 -16.95 3.41 13.12
CA HIS C 9 -16.09 3.42 14.30
C HIS C 9 -16.49 2.24 15.19
N GLY C 10 -15.68 1.18 15.15
CA GLY C 10 -16.11 -0.09 15.73
C GLY C 10 -16.56 -0.02 17.17
N ALA C 11 -15.83 0.73 18.00
CA ALA C 11 -16.19 0.84 19.40
C ALA C 11 -17.63 1.29 19.60
N ASP C 12 -18.17 2.10 18.68
CA ASP C 12 -19.55 2.56 18.87
C ASP C 12 -20.59 1.51 18.45
N VAL C 13 -20.30 0.71 17.43
CA VAL C 13 -21.39 0.00 16.76
C VAL C 13 -21.10 -1.45 16.41
N ARG C 14 -19.85 -1.88 16.58
CA ARG C 14 -19.45 -3.22 16.16
C ARG C 14 -20.39 -4.27 16.74
N LYS C 15 -20.53 -4.31 18.08
CA LYS C 15 -21.32 -5.38 18.68
C LYS C 15 -22.81 -5.19 18.47
N THR C 16 -23.25 -3.94 18.33
CA THR C 16 -24.68 -3.67 18.34
C THR C 16 -25.21 -3.56 16.93
N ILE C 17 -25.47 -2.34 16.45
CA ILE C 17 -26.22 -2.20 15.21
C ILE C 17 -25.46 -2.84 14.05
N LEU C 18 -24.14 -2.68 14.03
CA LEU C 18 -23.36 -3.21 12.90
C LEU C 18 -23.48 -4.73 12.80
N SER C 19 -23.53 -5.43 13.92
CA SER C 19 -23.69 -6.87 13.87
C SER C 19 -24.96 -7.25 13.12
N HIS C 20 -26.07 -6.59 13.41
CA HIS C 20 -27.34 -6.91 12.77
C HIS C 20 -27.32 -6.56 11.30
N ILE C 21 -26.74 -5.41 10.94
CA ILE C 21 -26.63 -5.01 9.53
C ILE C 21 -25.96 -6.10 8.71
N LEU C 22 -24.81 -6.58 9.18
CA LEU C 22 -24.09 -7.59 8.42
C LEU C 22 -24.91 -8.86 8.28
N GLU C 23 -25.78 -9.14 9.25
CA GLU C 23 -26.68 -10.29 9.12
C GLU C 23 -27.73 -10.05 8.04
N SER C 24 -28.27 -8.82 7.95
CA SER C 24 -29.21 -8.49 6.88
C SER C 24 -28.57 -8.67 5.51
N PHE C 25 -27.35 -8.16 5.33
CA PHE C 25 -26.68 -8.25 4.05
C PHE C 25 -26.56 -9.69 3.61
N ARG C 26 -25.98 -10.53 4.48
CA ARG C 26 -25.74 -11.91 4.08
C ARG C 26 -27.03 -12.63 3.73
N ARG C 27 -28.08 -12.40 4.50
CA ARG C 27 -29.35 -13.01 4.15
C ARG C 27 -29.76 -12.63 2.74
N LYS C 28 -29.47 -11.40 2.35
CA LYS C 28 -29.77 -10.91 1.02
C LYS C 28 -28.64 -11.15 0.02
N GLY C 29 -27.58 -11.85 0.42
CA GLY C 29 -26.50 -12.15 -0.49
C GLY C 29 -25.53 -11.02 -0.74
N ILE C 30 -25.62 -9.92 0.00
CA ILE C 30 -24.67 -8.82 -0.16
C ILE C 30 -23.38 -9.18 0.57
N ASP C 31 -22.25 -8.94 -0.10
CA ASP C 31 -20.94 -9.30 0.41
C ASP C 31 -20.19 -8.02 0.75
N PRO C 32 -20.22 -7.57 2.00
CA PRO C 32 -19.47 -6.36 2.37
C PRO C 32 -17.98 -6.62 2.50
N PHE C 33 -17.23 -5.54 2.49
CA PHE C 33 -15.79 -5.59 2.70
C PHE C 33 -15.47 -5.13 4.10
N ILE C 34 -14.88 -6.01 4.90
CA ILE C 34 -14.50 -5.74 6.28
C ILE C 34 -13.01 -6.03 6.43
N ASP C 35 -12.29 -5.06 6.97
CA ASP C 35 -10.83 -5.16 7.11
C ASP C 35 -10.45 -6.45 7.85
N LYS C 42 -4.42 8.40 11.74
CA LYS C 42 -4.57 9.02 10.43
C LYS C 42 -4.08 8.08 9.33
N SER C 43 -3.61 6.90 9.72
CA SER C 43 -3.28 5.88 8.75
C SER C 43 -4.53 5.44 7.98
N ILE C 44 -4.32 4.96 6.75
CA ILE C 44 -5.35 4.31 5.97
C ILE C 44 -4.70 3.20 5.15
N GLY C 45 -3.61 3.53 4.48
CA GLY C 45 -2.95 2.51 3.68
C GLY C 45 -3.41 2.51 2.24
N HIS C 46 -2.53 2.08 1.36
CA HIS C 46 -2.84 2.01 -0.06
C HIS C 46 -3.79 0.85 -0.37
N GLU C 47 -3.72 -0.23 0.39
CA GLU C 47 -4.65 -1.33 0.16
C GLU C 47 -6.07 -0.96 0.57
N LEU C 48 -6.22 -0.16 1.62
CA LEU C 48 -7.55 0.27 2.04
C LEU C 48 -8.14 1.25 1.03
N LYS C 49 -7.32 2.18 0.53
CA LYS C 49 -7.76 3.06 -0.54
C LYS C 49 -8.19 2.27 -1.76
N GLU C 50 -7.44 1.22 -2.11
CA GLU C 50 -7.81 0.44 -3.29
C GLU C 50 -9.16 -0.23 -3.12
N ALA C 51 -9.45 -0.70 -1.90
CA ALA C 51 -10.71 -1.38 -1.66
C ALA C 51 -11.87 -0.41 -1.77
N ILE C 52 -11.70 0.84 -1.30
CA ILE C 52 -12.76 1.83 -1.40
C ILE C 52 -13.02 2.14 -2.85
N LYS C 53 -11.94 2.38 -3.62
CA LYS C 53 -12.14 2.69 -5.03
C LYS C 53 -12.88 1.59 -5.75
N GLY C 54 -12.74 0.35 -5.30
CA GLY C 54 -13.35 -0.75 -6.00
C GLY C 54 -14.70 -1.16 -5.50
N SER C 55 -15.32 -0.35 -4.66
CA SER C 55 -16.65 -0.59 -4.14
C SER C 55 -17.66 0.26 -4.88
N LYS C 56 -18.72 -0.36 -5.40
CA LYS C 56 -19.76 0.46 -6.01
C LYS C 56 -20.44 1.34 -4.97
N ILE C 57 -20.79 0.76 -3.82
CA ILE C 57 -21.45 1.51 -2.75
C ILE C 57 -20.54 1.60 -1.54
N ALA C 58 -20.65 2.70 -0.80
CA ALA C 58 -20.00 2.87 0.48
C ALA C 58 -21.07 3.27 1.48
N ILE C 59 -21.12 2.60 2.63
CA ILE C 59 -22.08 2.91 3.69
C ILE C 59 -21.36 3.66 4.80
N VAL C 60 -21.78 4.89 5.05
CA VAL C 60 -21.19 5.75 6.07
C VAL C 60 -22.04 5.63 7.33
N LEU C 61 -21.53 4.89 8.32
CA LEU C 61 -22.22 4.67 9.60
C LEU C 61 -21.71 5.70 10.60
N LEU C 62 -22.44 6.80 10.74
CA LEU C 62 -22.00 7.91 11.59
C LEU C 62 -22.49 7.72 13.02
N SER C 63 -21.63 8.04 13.98
CA SER C 63 -21.90 7.77 15.38
C SER C 63 -21.23 8.85 16.22
N LYS C 64 -21.57 8.85 17.50
CA LYS C 64 -21.08 9.88 18.41
C LYS C 64 -19.57 10.07 18.31
N ASN C 65 -18.81 8.97 18.28
CA ASN C 65 -17.35 8.99 18.35
C ASN C 65 -16.68 8.73 17.00
N TYR C 66 -17.45 8.69 15.91
CA TYR C 66 -16.82 8.50 14.60
C TYR C 66 -15.72 9.52 14.35
N ALA C 67 -15.91 10.76 14.79
CA ALA C 67 -14.94 11.82 14.55
C ALA C 67 -13.79 11.83 15.56
N SER C 68 -13.82 10.95 16.56
CA SER C 68 -12.68 10.83 17.45
C SER C 68 -11.52 10.08 16.82
N SER C 69 -11.77 9.40 15.70
CA SER C 69 -10.78 8.60 14.99
C SER C 69 -10.42 9.27 13.66
N SER C 70 -9.14 9.60 13.49
CA SER C 70 -8.69 10.15 12.21
C SER C 70 -8.66 9.09 11.11
N TRP C 71 -8.60 7.80 11.48
CA TRP C 71 -8.79 6.73 10.50
C TRP C 71 -10.19 6.79 9.90
N CYS C 72 -11.22 6.97 10.74
CA CYS C 72 -12.58 7.07 10.20
C CYS C 72 -12.76 8.32 9.35
N LEU C 73 -12.07 9.42 9.70
CA LEU C 73 -12.22 10.64 8.92
C LEU C 73 -11.50 10.55 7.59
N ASP C 74 -10.33 9.92 7.55
CA ASP C 74 -9.64 9.72 6.27
C ASP C 74 -10.46 8.84 5.33
N GLU C 75 -11.15 7.84 5.88
CA GLU C 75 -12.05 7.03 5.07
C GLU C 75 -13.15 7.89 4.44
N LEU C 76 -13.72 8.81 5.22
CA LEU C 76 -14.77 9.68 4.70
C LEU C 76 -14.27 10.54 3.54
N ALA C 77 -13.08 11.11 3.67
CA ALA C 77 -12.57 11.96 2.62
C ALA C 77 -12.35 11.19 1.32
N GLU C 78 -11.95 9.93 1.42
CA GLU C 78 -11.74 9.14 0.22
C GLU C 78 -13.07 8.76 -0.43
N ILE C 79 -14.08 8.46 0.38
CA ILE C 79 -15.38 8.09 -0.16
C ILE C 79 -15.98 9.26 -0.90
N MET C 80 -15.91 10.46 -0.31
CA MET C 80 -16.43 11.63 -0.99
C MET C 80 -15.64 11.89 -2.26
N LYS C 81 -14.34 11.63 -2.23
CA LYS C 81 -13.51 11.76 -3.41
C LYS C 81 -13.89 10.75 -4.46
N CYS C 82 -14.31 9.54 -4.05
CA CYS C 82 -14.72 8.53 -5.02
C CYS C 82 -16.13 8.79 -5.52
N ARG C 83 -16.98 9.41 -4.70
CA ARG C 83 -18.29 9.86 -5.16
C ARG C 83 -18.17 10.84 -6.30
N GLU C 84 -17.23 11.78 -6.20
CA GLU C 84 -17.06 12.79 -7.24
C GLU C 84 -16.54 12.20 -8.55
N LEU C 85 -15.37 11.55 -8.51
CA LEU C 85 -14.74 11.16 -9.77
C LEU C 85 -15.22 9.82 -10.30
N LEU C 86 -15.37 8.84 -9.43
CA LEU C 86 -15.95 7.56 -9.83
C LEU C 86 -17.45 7.67 -9.60
N GLY C 87 -18.17 6.59 -9.86
CA GLY C 87 -19.61 6.70 -9.71
C GLY C 87 -20.13 6.25 -8.36
N GLN C 88 -19.28 6.36 -7.33
CA GLN C 88 -19.60 5.67 -6.08
C GLN C 88 -20.87 6.20 -5.47
N ILE C 89 -21.74 5.31 -5.09
CA ILE C 89 -22.96 5.66 -4.37
C ILE C 89 -22.64 5.66 -2.89
N VAL C 90 -23.00 6.74 -2.20
CA VAL C 90 -22.73 6.87 -0.77
C VAL C 90 -24.06 6.87 -0.03
N MET C 91 -24.25 5.90 0.87
CA MET C 91 -25.44 5.83 1.71
C MET C 91 -25.07 6.08 3.16
N THR C 92 -25.87 6.90 3.82
CA THR C 92 -25.58 7.41 5.15
C THR C 92 -26.57 6.88 6.19
N ILE C 93 -26.02 6.53 7.35
CA ILE C 93 -26.75 6.07 8.52
C ILE C 93 -26.34 6.94 9.69
N PHE C 94 -27.31 7.67 10.26
CA PHE C 94 -27.06 8.56 11.40
C PHE C 94 -27.50 7.84 12.67
N TYR C 95 -26.52 7.32 13.43
CA TYR C 95 -26.78 6.44 14.57
C TYR C 95 -26.63 7.22 15.87
N GLU C 96 -27.78 7.58 16.46
CA GLU C 96 -27.79 8.35 17.69
C GLU C 96 -26.94 9.61 17.59
N VAL C 97 -27.02 10.26 16.43
CA VAL C 97 -26.35 11.52 16.17
C VAL C 97 -27.22 12.27 15.17
N ASP C 98 -27.31 13.59 15.33
CA ASP C 98 -28.19 14.34 14.46
C ASP C 98 -27.41 14.85 13.24
N PRO C 99 -27.97 14.79 12.04
CA PRO C 99 -27.19 15.22 10.85
C PRO C 99 -26.64 16.63 10.98
N THR C 100 -27.39 17.54 11.59
CA THR C 100 -26.90 18.91 11.65
C THR C 100 -25.69 19.02 12.56
N ASP C 101 -25.60 18.19 13.60
CA ASP C 101 -24.38 18.13 14.41
C ASP C 101 -23.20 17.70 13.57
N ILE C 102 -23.47 16.90 12.54
CA ILE C 102 -22.41 16.46 11.64
C ILE C 102 -22.02 17.56 10.67
N LYS C 103 -23.02 18.24 10.10
CA LYS C 103 -22.73 19.31 9.15
C LYS C 103 -21.97 20.45 9.82
N LYS C 104 -22.37 20.81 11.03
CA LYS C 104 -21.77 21.90 11.77
C LYS C 104 -20.76 21.46 12.82
N GLN C 105 -20.46 20.17 12.92
CA GLN C 105 -19.46 19.66 13.88
C GLN C 105 -19.74 20.19 15.30
N THR C 106 -20.94 19.89 15.78
CA THR C 106 -21.34 20.38 17.10
C THR C 106 -21.82 19.24 17.98
N GLY C 107 -22.35 19.58 19.16
CA GLY C 107 -22.70 18.57 20.14
C GLY C 107 -21.47 17.85 20.63
N GLU C 108 -21.71 16.64 21.15
CA GLU C 108 -20.60 15.81 21.58
C GLU C 108 -19.79 15.32 20.39
N PHE C 109 -20.44 15.10 19.26
CA PHE C 109 -19.70 14.75 18.06
C PHE C 109 -18.63 15.80 17.74
N GLY C 110 -19.01 17.07 17.86
CA GLY C 110 -18.06 18.14 17.60
C GLY C 110 -16.94 18.17 18.61
N LYS C 111 -17.24 17.91 19.88
CA LYS C 111 -16.20 17.91 20.90
C LYS C 111 -15.15 16.84 20.61
N ALA C 112 -15.59 15.70 20.05
CA ALA C 112 -14.63 14.65 19.66
C ALA C 112 -13.85 15.04 18.42
N PHE C 113 -14.50 15.75 17.49
CA PHE C 113 -13.84 16.12 16.25
C PHE C 113 -12.72 17.11 16.53
N THR C 114 -13.01 18.15 17.32
CA THR C 114 -11.99 19.16 17.60
C THR C 114 -10.82 18.57 18.34
N LYS C 115 -11.04 17.49 19.10
CA LYS C 115 -9.91 16.81 19.74
C LYS C 115 -9.06 16.08 18.71
N THR C 116 -9.69 15.45 17.73
CA THR C 116 -8.92 14.87 16.65
C THR C 116 -8.22 15.93 15.80
N CYS C 117 -8.55 17.20 15.99
CA CYS C 117 -7.92 18.29 15.27
C CYS C 117 -6.79 18.96 16.05
N LYS C 118 -6.69 18.72 17.35
CA LYS C 118 -5.64 19.36 18.12
C LYS C 118 -4.28 18.89 17.65
N GLY C 119 -3.39 19.81 17.35
CA GLY C 119 -2.09 19.41 16.85
C GLY C 119 -2.13 18.85 15.44
N LYS C 120 -2.98 19.42 14.58
CA LYS C 120 -3.12 18.95 13.22
C LYS C 120 -2.95 20.11 12.26
N THR C 121 -2.25 19.86 11.15
CA THR C 121 -2.14 20.88 10.11
C THR C 121 -3.54 21.40 9.77
N LYS C 122 -3.65 22.72 9.56
CA LYS C 122 -4.94 23.29 9.19
C LYS C 122 -5.48 22.77 7.87
N GLU C 123 -4.65 22.10 7.06
CA GLU C 123 -5.04 21.61 5.75
C GLU C 123 -5.68 20.24 5.83
N TYR C 124 -5.15 19.36 6.69
CA TYR C 124 -5.89 18.15 7.01
C TYR C 124 -7.25 18.45 7.61
N VAL C 125 -7.28 19.40 8.55
CA VAL C 125 -8.52 19.67 9.28
C VAL C 125 -9.66 19.96 8.32
N GLU C 126 -9.43 20.86 7.36
CA GLU C 126 -10.51 21.32 6.51
C GLU C 126 -10.86 20.31 5.42
N ARG C 127 -9.91 19.46 5.02
CA ARG C 127 -10.26 18.36 4.14
C ARG C 127 -11.26 17.43 4.82
N TRP C 128 -11.04 17.18 6.11
CA TRP C 128 -12.06 16.48 6.91
C TRP C 128 -13.32 17.33 7.07
N ARG C 129 -13.16 18.58 7.46
CA ARG C 129 -14.31 19.45 7.70
C ARG C 129 -15.21 19.48 6.48
N LYS C 130 -14.60 19.69 5.30
CA LYS C 130 -15.37 19.78 4.06
C LYS C 130 -16.11 18.47 3.82
N ALA C 131 -15.49 17.34 4.16
CA ALA C 131 -16.13 16.04 3.95
C ALA C 131 -17.35 15.86 4.85
N LEU C 132 -17.25 16.26 6.11
CA LEU C 132 -18.38 16.10 6.99
C LEU C 132 -19.55 16.97 6.57
N GLU C 133 -19.27 18.24 6.22
CA GLU C 133 -20.33 19.13 5.75
C GLU C 133 -21.08 18.49 4.58
N ASP C 134 -20.35 17.90 3.65
CA ASP C 134 -20.97 17.37 2.44
C ASP C 134 -21.76 16.10 2.72
N VAL C 135 -21.17 15.16 3.47
CA VAL C 135 -21.84 13.89 3.73
C VAL C 135 -23.08 14.11 4.57
N ALA C 136 -23.11 15.16 5.38
CA ALA C 136 -24.29 15.37 6.21
C ALA C 136 -25.52 15.73 5.41
N THR C 137 -25.38 16.09 4.13
CA THR C 137 -26.51 16.45 3.28
C THR C 137 -26.84 15.38 2.26
N ILE C 138 -26.19 14.22 2.33
CA ILE C 138 -26.58 13.09 1.49
C ILE C 138 -27.75 12.39 2.18
N ALA C 139 -28.90 12.37 1.54
CA ALA C 139 -30.08 11.76 2.11
C ALA C 139 -29.81 10.33 2.55
N GLY C 140 -30.17 10.03 3.79
CA GLY C 140 -29.96 8.72 4.37
C GLY C 140 -30.99 8.32 5.40
N TYR C 141 -30.57 7.55 6.39
CA TYR C 141 -31.42 6.94 7.40
C TYR C 141 -31.04 7.45 8.79
N HIS C 142 -31.99 8.10 9.46
CA HIS C 142 -31.79 8.65 10.79
C HIS C 142 -32.49 7.76 11.82
N SER C 143 -31.71 7.25 12.78
CA SER C 143 -32.24 6.28 13.72
C SER C 143 -33.34 6.88 14.59
N HIS C 144 -33.15 8.13 15.04
CA HIS C 144 -34.16 8.76 15.88
C HIS C 144 -35.52 8.79 15.19
N LYS C 145 -35.55 8.89 13.86
CA LYS C 145 -36.78 9.01 13.10
C LYS C 145 -37.42 7.66 12.77
N TRP C 146 -36.79 6.55 13.13
CA TRP C 146 -37.28 5.23 12.73
C TRP C 146 -38.01 4.53 13.84
N ARG C 147 -38.93 3.64 13.45
CA ARG C 147 -39.84 3.03 14.41
C ARG C 147 -39.15 1.97 15.26
N ASN C 148 -38.30 1.14 14.66
CA ASN C 148 -37.52 0.17 15.40
C ASN C 148 -36.30 -0.14 14.54
N GLU C 149 -35.17 -0.42 15.20
CA GLU C 149 -33.94 -0.65 14.46
C GLU C 149 -34.09 -1.79 13.46
N ALA C 150 -34.85 -2.84 13.81
CA ALA C 150 -34.96 -3.97 12.91
C ALA C 150 -35.56 -3.58 11.57
N ASP C 151 -36.64 -2.80 11.58
CA ASP C 151 -37.25 -2.36 10.33
C ASP C 151 -36.33 -1.41 9.58
N MET C 152 -35.62 -0.55 10.29
CA MET C 152 -34.66 0.32 9.63
C MET C 152 -33.60 -0.49 8.87
N ILE C 153 -32.98 -1.46 9.56
CA ILE C 153 -31.97 -2.28 8.90
C ILE C 153 -32.55 -2.95 7.67
N GLU C 154 -33.76 -3.48 7.79
CA GLU C 154 -34.35 -4.19 6.66
C GLU C 154 -34.60 -3.24 5.50
N LYS C 155 -35.01 -2.01 5.78
CA LYS C 155 -35.17 -1.05 4.70
C LYS C 155 -33.84 -0.72 4.03
N ILE C 156 -32.77 -0.52 4.82
CA ILE C 156 -31.47 -0.22 4.25
C ILE C 156 -30.97 -1.37 3.40
N ALA C 157 -31.07 -2.58 3.93
CA ALA C 157 -30.57 -3.75 3.21
C ALA C 157 -31.32 -3.99 1.90
N THR C 158 -32.62 -3.65 1.83
CA THR C 158 -33.34 -3.85 0.57
C THR C 158 -32.95 -2.75 -0.43
N ASP C 159 -32.78 -1.52 0.06
CA ASP C 159 -32.36 -0.42 -0.81
C ASP C 159 -30.99 -0.68 -1.41
N VAL C 160 -30.03 -1.09 -0.56
CA VAL C 160 -28.70 -1.41 -1.07
C VAL C 160 -28.76 -2.55 -2.08
N SER C 161 -29.55 -3.57 -1.78
CA SER C 161 -29.67 -4.69 -2.71
C SER C 161 -30.21 -4.24 -4.05
N ASN C 162 -31.27 -3.44 -4.02
CA ASN C 162 -31.86 -2.95 -5.27
C ASN C 162 -30.84 -2.14 -6.05
N MET C 163 -30.16 -1.22 -5.37
CA MET C 163 -29.17 -0.40 -6.04
C MET C 163 -28.08 -1.24 -6.71
N LEU C 164 -27.71 -2.35 -6.10
CA LEU C 164 -26.71 -3.27 -6.67
C LEU C 164 -27.26 -4.01 -7.88
N ASN C 165 -28.44 -3.65 -8.38
CA ASN C 165 -28.98 -4.27 -9.60
C ASN C 165 -29.25 -3.18 -10.65
N GLN D 3 -12.78 -25.85 9.37
CA GLN D 3 -11.67 -26.75 9.06
C GLN D 3 -10.48 -26.49 9.98
N VAL D 4 -10.07 -25.23 10.11
CA VAL D 4 -8.81 -24.90 10.75
C VAL D 4 -8.99 -23.65 11.58
N PHE D 5 -8.37 -23.62 12.76
CA PHE D 5 -8.37 -22.45 13.63
C PHE D 5 -6.93 -22.02 13.89
N PRO D 6 -6.47 -20.94 13.30
CA PRO D 6 -5.11 -20.47 13.61
C PRO D 6 -5.11 -19.55 14.85
N SER D 7 -4.22 -19.81 15.80
CA SER D 7 -3.98 -18.95 16.95
C SER D 7 -2.60 -18.32 16.82
N PHE D 8 -2.54 -17.00 16.95
CA PHE D 8 -1.32 -16.28 16.63
C PHE D 8 -1.31 -14.98 17.42
N HIS D 9 -0.12 -14.36 17.50
CA HIS D 9 0.07 -13.02 18.04
C HIS D 9 0.22 -12.10 16.83
N GLY D 10 -0.83 -11.35 16.51
CA GLY D 10 -0.89 -10.66 15.24
C GLY D 10 0.32 -9.78 14.97
N ALA D 11 0.76 -9.04 15.98
CA ALA D 11 1.88 -8.13 15.79
C ALA D 11 3.13 -8.83 15.26
N ASP D 12 3.31 -10.10 15.58
CA ASP D 12 4.52 -10.79 15.15
C ASP D 12 4.44 -11.28 13.71
N VAL D 13 3.25 -11.67 13.23
CA VAL D 13 3.20 -12.51 12.03
C VAL D 13 2.13 -12.08 11.05
N ARG D 14 1.25 -11.16 11.47
CA ARG D 14 0.12 -10.78 10.63
C ARG D 14 0.60 -10.36 9.25
N LYS D 15 1.48 -9.36 9.19
CA LYS D 15 1.87 -8.81 7.91
C LYS D 15 2.73 -9.76 7.11
N THR D 16 3.49 -10.62 7.78
CA THR D 16 4.46 -11.45 7.09
C THR D 16 3.96 -12.87 6.88
N ILE D 17 4.47 -13.82 7.67
CA ILE D 17 4.29 -15.24 7.35
C ILE D 17 2.81 -15.64 7.35
N LEU D 18 2.01 -15.10 8.25
CA LEU D 18 0.62 -15.51 8.28
C LEU D 18 -0.10 -15.17 6.98
N SER D 19 0.24 -14.02 6.38
CA SER D 19 -0.37 -13.64 5.11
C SER D 19 -0.07 -14.65 4.01
N HIS D 20 1.17 -15.13 3.94
CA HIS D 20 1.50 -16.13 2.94
C HIS D 20 0.80 -17.46 3.24
N ILE D 21 0.75 -17.86 4.50
CA ILE D 21 0.03 -19.07 4.87
C ILE D 21 -1.42 -18.98 4.42
N LEU D 22 -2.07 -17.85 4.70
CA LEU D 22 -3.49 -17.73 4.38
C LEU D 22 -3.75 -17.78 2.89
N GLU D 23 -2.80 -17.27 2.09
CA GLU D 23 -2.92 -17.39 0.63
C GLU D 23 -2.71 -18.82 0.19
N SER D 24 -1.79 -19.53 0.83
CA SER D 24 -1.60 -20.95 0.53
C SER D 24 -2.87 -21.75 0.79
N PHE D 25 -3.49 -21.53 1.96
CA PHE D 25 -4.74 -22.21 2.27
C PHE D 25 -5.77 -21.95 1.18
N ARG D 26 -6.04 -20.67 0.87
CA ARG D 26 -7.08 -20.32 -0.11
C ARG D 26 -6.81 -20.95 -1.47
N ARG D 27 -5.55 -20.97 -1.90
CA ARG D 27 -5.24 -21.68 -3.14
C ARG D 27 -5.62 -23.15 -3.06
N LYS D 28 -5.48 -23.77 -1.89
CA LYS D 28 -5.82 -25.17 -1.74
C LYS D 28 -7.25 -25.40 -1.30
N GLY D 29 -8.05 -24.33 -1.21
CA GLY D 29 -9.43 -24.45 -0.81
C GLY D 29 -9.69 -24.59 0.67
N ILE D 30 -8.68 -24.42 1.51
CA ILE D 30 -8.87 -24.45 2.96
C ILE D 30 -9.38 -23.09 3.41
N ASP D 31 -10.43 -23.10 4.23
CA ASP D 31 -11.07 -21.88 4.70
C ASP D 31 -10.85 -21.74 6.19
N PRO D 32 -9.84 -20.98 6.62
CA PRO D 32 -9.60 -20.82 8.06
C PRO D 32 -10.62 -19.87 8.71
N PHE D 33 -10.64 -19.89 10.03
CA PHE D 33 -11.48 -19.00 10.83
C PHE D 33 -10.65 -17.85 11.38
N ILE D 34 -11.07 -16.63 11.03
CA ILE D 34 -10.44 -15.39 11.46
C ILE D 34 -11.45 -14.59 12.29
N ASP D 35 -11.00 -14.15 13.47
CA ASP D 35 -11.90 -13.39 14.33
C ASP D 35 -12.50 -12.14 13.70
N ASN D 36 -11.68 -11.14 13.38
CA ASN D 36 -12.22 -9.90 12.83
C ASN D 36 -13.22 -10.17 11.70
N ILE D 44 -10.74 -15.85 28.05
CA ILE D 44 -11.23 -14.69 27.30
C ILE D 44 -11.89 -15.20 26.01
N GLY D 45 -13.21 -15.04 25.91
CA GLY D 45 -14.00 -15.51 24.80
C GLY D 45 -15.18 -16.32 25.28
N HIS D 46 -15.84 -16.99 24.34
CA HIS D 46 -16.98 -17.85 24.60
C HIS D 46 -17.59 -18.19 23.24
N GLU D 47 -17.74 -17.17 22.40
CA GLU D 47 -18.04 -17.40 21.00
C GLU D 47 -16.80 -17.94 20.31
N LEU D 48 -15.63 -17.49 20.78
CA LEU D 48 -14.35 -17.98 20.29
C LEU D 48 -14.12 -19.40 20.76
N LYS D 49 -14.49 -19.70 22.01
CA LYS D 49 -14.36 -21.06 22.49
C LYS D 49 -15.19 -22.00 21.63
N GLU D 50 -16.40 -21.58 21.27
CA GLU D 50 -17.23 -22.45 20.45
C GLU D 50 -16.58 -22.68 19.09
N ALA D 51 -15.91 -21.65 18.55
CA ALA D 51 -15.25 -21.78 17.24
C ALA D 51 -14.05 -22.72 17.33
N ILE D 52 -13.29 -22.61 18.40
CA ILE D 52 -12.24 -23.61 18.66
C ILE D 52 -12.85 -24.99 18.86
N LYS D 53 -13.89 -25.10 19.70
CA LYS D 53 -14.53 -26.39 19.93
C LYS D 53 -14.92 -27.03 18.62
N GLY D 54 -15.30 -26.22 17.63
CA GLY D 54 -15.79 -26.70 16.34
C GLY D 54 -14.77 -26.77 15.23
N SER D 55 -13.49 -26.62 15.52
CA SER D 55 -12.47 -26.66 14.48
C SER D 55 -11.83 -28.04 14.47
N LYS D 56 -11.78 -28.67 13.30
CA LYS D 56 -11.12 -29.97 13.16
C LYS D 56 -9.64 -29.87 13.46
N ILE D 57 -8.96 -28.87 12.90
CA ILE D 57 -7.53 -28.65 13.11
C ILE D 57 -7.32 -27.31 13.79
N ALA D 58 -6.28 -27.24 14.61
CA ALA D 58 -5.82 -26.01 15.22
C ALA D 58 -4.35 -25.86 14.88
N ILE D 59 -3.97 -24.70 14.34
CA ILE D 59 -2.59 -24.40 13.98
C ILE D 59 -2.06 -23.42 15.01
N VAL D 60 -1.06 -23.84 15.78
CA VAL D 60 -0.46 -23.00 16.81
C VAL D 60 0.79 -22.38 16.18
N LEU D 61 0.68 -21.10 15.80
CA LEU D 61 1.77 -20.36 15.16
C LEU D 61 2.50 -19.62 16.29
N LEU D 62 3.56 -20.24 16.79
CA LEU D 62 4.25 -19.72 17.95
C LEU D 62 5.34 -18.74 17.54
N SER D 63 5.45 -17.66 18.31
CA SER D 63 6.39 -16.59 18.06
C SER D 63 6.91 -16.03 19.39
N LYS D 64 7.94 -15.20 19.29
CA LYS D 64 8.62 -14.71 20.49
C LYS D 64 7.64 -14.07 21.46
N ASN D 65 6.71 -13.26 20.95
CA ASN D 65 5.82 -12.49 21.78
C ASN D 65 4.45 -13.14 21.92
N TYR D 66 4.32 -14.38 21.47
CA TYR D 66 3.05 -15.10 21.62
C TYR D 66 2.63 -15.11 23.09
N ALA D 67 3.58 -15.28 23.99
CA ALA D 67 3.28 -15.34 25.42
C ALA D 67 3.21 -13.95 26.05
N SER D 68 3.46 -12.88 25.31
CA SER D 68 3.27 -11.55 25.86
C SER D 68 1.80 -11.20 25.99
N SER D 69 0.93 -11.95 25.31
CA SER D 69 -0.51 -11.72 25.32
C SER D 69 -1.18 -12.89 26.05
N SER D 70 -1.89 -12.58 27.13
CA SER D 70 -2.64 -13.62 27.84
C SER D 70 -3.84 -14.10 27.03
N TRP D 71 -4.29 -13.31 26.07
CA TRP D 71 -5.33 -13.76 25.13
C TRP D 71 -4.82 -14.93 24.29
N CYS D 72 -3.57 -14.85 23.83
CA CYS D 72 -2.98 -15.97 23.10
C CYS D 72 -2.79 -17.20 23.98
N LEU D 73 -2.51 -17.01 25.26
CA LEU D 73 -2.30 -18.15 26.14
C LEU D 73 -3.61 -18.84 26.48
N ASP D 74 -4.69 -18.09 26.65
CA ASP D 74 -5.99 -18.71 26.85
C ASP D 74 -6.40 -19.57 25.65
N GLU D 75 -6.07 -19.11 24.45
CA GLU D 75 -6.31 -19.92 23.25
C GLU D 75 -5.54 -21.24 23.29
N LEU D 76 -4.27 -21.21 23.68
CA LEU D 76 -3.50 -22.44 23.75
C LEU D 76 -4.11 -23.43 24.76
N ALA D 77 -4.51 -22.95 25.94
CA ALA D 77 -5.08 -23.85 26.94
C ALA D 77 -6.38 -24.48 26.44
N GLU D 78 -7.16 -23.73 25.66
CA GLU D 78 -8.41 -24.28 25.13
C GLU D 78 -8.12 -25.29 24.02
N ILE D 79 -7.10 -25.04 23.21
CA ILE D 79 -6.77 -25.97 22.13
C ILE D 79 -6.30 -27.29 22.74
N MET D 80 -5.42 -27.21 23.74
CA MET D 80 -4.94 -28.44 24.36
C MET D 80 -6.08 -29.19 25.03
N LYS D 81 -7.04 -28.45 25.55
CA LYS D 81 -8.19 -29.08 26.18
C LYS D 81 -9.00 -29.86 25.15
N CYS D 82 -9.07 -29.34 23.91
CA CYS D 82 -9.86 -30.00 22.88
C CYS D 82 -9.12 -31.16 22.25
N ARG D 83 -7.79 -31.09 22.19
CA ARG D 83 -7.00 -32.23 21.74
C ARG D 83 -7.28 -33.43 22.62
N GLU D 84 -7.37 -33.21 23.93
CA GLU D 84 -7.59 -34.30 24.87
C GLU D 84 -8.99 -34.90 24.75
N LEU D 85 -10.03 -34.08 24.91
CA LEU D 85 -11.39 -34.59 25.03
C LEU D 85 -12.09 -34.76 23.68
N LEU D 86 -11.90 -33.82 22.78
CA LEU D 86 -12.36 -33.98 21.43
C LEU D 86 -11.23 -34.55 20.61
N GLY D 87 -11.44 -34.69 19.31
CA GLY D 87 -10.38 -35.25 18.47
C GLY D 87 -9.49 -34.22 17.78
N GLN D 88 -9.35 -33.03 18.37
CA GLN D 88 -8.74 -31.93 17.62
C GLN D 88 -7.30 -32.24 17.28
N ILE D 89 -6.95 -32.03 16.03
CA ILE D 89 -5.58 -32.18 15.57
C ILE D 89 -4.87 -30.86 15.80
N VAL D 90 -3.71 -30.89 16.43
CA VAL D 90 -2.94 -29.70 16.75
C VAL D 90 -1.67 -29.72 15.89
N MET D 91 -1.50 -28.67 15.09
CA MET D 91 -0.36 -28.48 14.20
C MET D 91 0.45 -27.35 14.77
N THR D 92 1.76 -27.54 14.89
CA THR D 92 2.62 -26.58 15.55
C THR D 92 3.60 -25.95 14.56
N ILE D 93 3.75 -24.64 14.64
CA ILE D 93 4.69 -23.89 13.83
C ILE D 93 5.58 -23.08 14.76
N PHE D 94 6.86 -23.38 14.75
CA PHE D 94 7.85 -22.69 15.57
C PHE D 94 8.53 -21.63 14.72
N TYR D 95 8.10 -20.39 14.88
CA TYR D 95 8.51 -19.29 14.01
C TYR D 95 9.56 -18.46 14.71
N GLU D 96 10.80 -18.64 14.30
CA GLU D 96 11.92 -17.91 14.86
C GLU D 96 11.91 -18.00 16.39
N VAL D 97 11.57 -19.19 16.89
CA VAL D 97 11.62 -19.49 18.31
C VAL D 97 11.91 -20.98 18.42
N ASP D 98 12.72 -21.35 19.41
CA ASP D 98 13.10 -22.75 19.51
C ASP D 98 12.12 -23.51 20.40
N PRO D 99 11.75 -24.74 20.04
CA PRO D 99 10.74 -25.46 20.85
C PRO D 99 11.15 -25.60 22.29
N THR D 100 12.43 -25.81 22.60
CA THR D 100 12.80 -26.00 24.00
C THR D 100 12.64 -24.72 24.79
N ASP D 101 12.84 -23.55 24.16
CA ASP D 101 12.50 -22.30 24.80
C ASP D 101 11.01 -22.23 25.08
N ILE D 102 10.22 -22.90 24.24
CA ILE D 102 8.79 -23.01 24.50
C ILE D 102 8.53 -23.99 25.63
N LYS D 103 9.20 -25.14 25.61
CA LYS D 103 8.98 -26.17 26.60
C LYS D 103 9.36 -25.67 27.99
N LYS D 104 10.49 -24.99 28.10
CA LYS D 104 10.99 -24.48 29.37
C LYS D 104 10.64 -23.01 29.61
N GLN D 105 9.90 -22.38 28.70
CA GLN D 105 9.51 -20.97 28.81
C GLN D 105 10.70 -20.07 29.11
N THR D 106 11.68 -20.12 28.20
CA THR D 106 12.90 -19.33 28.39
C THR D 106 13.21 -18.46 27.17
N GLY D 107 14.39 -17.81 27.18
CA GLY D 107 14.73 -16.88 26.11
C GLY D 107 13.85 -15.64 26.23
N GLU D 108 13.74 -14.94 25.10
CA GLU D 108 12.81 -13.82 25.07
C GLU D 108 11.37 -14.29 25.21
N PHE D 109 11.06 -15.48 24.67
CA PHE D 109 9.73 -16.05 24.81
C PHE D 109 9.41 -16.20 26.29
N GLY D 110 10.35 -16.73 27.06
CA GLY D 110 10.10 -16.91 28.49
C GLY D 110 10.04 -15.58 29.22
N LYS D 111 10.88 -14.64 28.84
CA LYS D 111 10.86 -13.33 29.50
C LYS D 111 9.53 -12.61 29.31
N ALA D 112 8.88 -12.78 28.14
CA ALA D 112 7.56 -12.21 27.96
C ALA D 112 6.52 -12.96 28.80
N PHE D 113 6.73 -14.26 29.00
CA PHE D 113 5.76 -15.05 29.77
C PHE D 113 5.74 -14.59 31.22
N THR D 114 6.92 -14.46 31.84
CA THR D 114 6.95 -14.07 33.24
C THR D 114 6.38 -12.67 33.45
N LYS D 115 6.50 -11.77 32.46
CA LYS D 115 5.87 -10.46 32.59
C LYS D 115 4.36 -10.58 32.44
N THR D 116 3.91 -11.43 31.52
CA THR D 116 2.49 -11.73 31.43
C THR D 116 2.00 -12.52 32.64
N CYS D 117 2.92 -13.01 33.48
CA CYS D 117 2.54 -13.72 34.69
C CYS D 117 2.64 -12.88 35.96
N LYS D 118 3.37 -11.77 35.94
CA LYS D 118 3.47 -10.95 37.15
C LYS D 118 2.14 -10.26 37.43
N GLY D 119 1.67 -10.37 38.67
CA GLY D 119 0.36 -9.83 39.02
C GLY D 119 -0.74 -10.66 38.40
N LYS D 120 -0.55 -11.97 38.31
CA LYS D 120 -1.47 -12.90 37.69
C LYS D 120 -1.72 -14.05 38.65
N THR D 121 -2.95 -14.54 38.69
CA THR D 121 -3.25 -15.68 39.54
C THR D 121 -2.21 -16.78 39.37
N LYS D 122 -1.81 -17.39 40.47
CA LYS D 122 -0.91 -18.55 40.42
C LYS D 122 -1.53 -19.74 39.72
N GLU D 123 -2.85 -19.74 39.52
CA GLU D 123 -3.59 -20.84 38.91
C GLU D 123 -3.65 -20.73 37.39
N TYR D 124 -3.84 -19.52 36.87
CA TYR D 124 -3.67 -19.31 35.44
C TYR D 124 -2.26 -19.66 35.00
N VAL D 125 -1.26 -19.25 35.77
CA VAL D 125 0.12 -19.40 35.35
C VAL D 125 0.40 -20.85 34.97
N GLU D 126 -0.01 -21.79 35.83
CA GLU D 126 0.41 -23.17 35.67
C GLU D 126 -0.42 -23.93 34.63
N ARG D 127 -1.69 -23.59 34.43
CA ARG D 127 -2.41 -24.15 33.30
C ARG D 127 -1.80 -23.67 31.99
N TRP D 128 -1.33 -22.43 31.97
CA TRP D 128 -0.59 -21.95 30.81
C TRP D 128 0.71 -22.72 30.65
N ARG D 129 1.46 -22.88 31.75
CA ARG D 129 2.75 -23.56 31.67
C ARG D 129 2.58 -24.97 31.12
N LYS D 130 1.62 -25.71 31.68
CA LYS D 130 1.39 -27.08 31.23
C LYS D 130 1.06 -27.10 29.75
N ALA D 131 0.29 -26.12 29.28
CA ALA D 131 -0.05 -26.05 27.86
C ALA D 131 1.19 -25.80 27.00
N LEU D 132 2.05 -24.88 27.42
CA LEU D 132 3.27 -24.63 26.67
C LEU D 132 4.20 -25.84 26.70
N GLU D 133 4.38 -26.44 27.87
CA GLU D 133 5.16 -27.67 27.99
C GLU D 133 4.62 -28.73 27.05
N ASP D 134 3.29 -28.88 27.01
CA ASP D 134 2.70 -29.95 26.20
C ASP D 134 2.79 -29.63 24.71
N VAL D 135 2.40 -28.42 24.31
CA VAL D 135 2.39 -28.09 22.89
C VAL D 135 3.81 -28.13 22.34
N ALA D 136 4.80 -27.86 23.17
CA ALA D 136 6.16 -27.86 22.69
C ALA D 136 6.64 -29.24 22.27
N THR D 137 5.92 -30.29 22.65
CA THR D 137 6.28 -31.65 22.31
C THR D 137 5.43 -32.25 21.20
N ILE D 138 4.51 -31.50 20.62
CA ILE D 138 3.78 -31.95 19.45
C ILE D 138 4.63 -31.68 18.20
N ALA D 139 5.01 -32.74 17.50
CA ALA D 139 5.82 -32.63 16.32
C ALA D 139 5.19 -31.64 15.34
N GLY D 140 6.01 -30.70 14.88
CA GLY D 140 5.56 -29.63 14.00
C GLY D 140 6.67 -29.14 13.09
N TYR D 141 6.59 -27.89 12.67
CA TYR D 141 7.51 -27.29 11.70
C TYR D 141 8.33 -26.18 12.36
N HIS D 142 9.65 -26.34 12.37
CA HIS D 142 10.55 -25.36 12.94
C HIS D 142 11.17 -24.54 11.80
N SER D 143 10.99 -23.23 11.84
CA SER D 143 11.42 -22.37 10.73
C SER D 143 12.95 -22.40 10.58
N HIS D 144 13.69 -22.42 11.67
CA HIS D 144 15.14 -22.41 11.56
C HIS D 144 15.65 -23.57 10.71
N LYS D 145 14.96 -24.71 10.75
CA LYS D 145 15.41 -25.94 10.10
C LYS D 145 14.98 -26.04 8.65
N TRP D 146 14.21 -25.08 8.14
CA TRP D 146 13.70 -25.17 6.78
C TRP D 146 14.54 -24.36 5.81
N ARG D 147 14.51 -24.77 4.55
CA ARG D 147 15.42 -24.19 3.58
C ARG D 147 14.96 -22.82 3.10
N ASN D 148 13.66 -22.66 2.87
CA ASN D 148 13.10 -21.37 2.50
C ASN D 148 11.68 -21.36 3.02
N GLU D 149 11.22 -20.19 3.46
CA GLU D 149 9.89 -20.08 4.05
C GLU D 149 8.81 -20.56 3.09
N ALA D 150 8.98 -20.31 1.79
CA ALA D 150 7.95 -20.68 0.81
C ALA D 150 7.71 -22.19 0.76
N ASP D 151 8.79 -22.98 0.73
CA ASP D 151 8.64 -24.43 0.71
C ASP D 151 8.01 -24.94 1.99
N MET D 152 8.38 -24.36 3.14
CA MET D 152 7.77 -24.79 4.39
C MET D 152 6.26 -24.56 4.35
N ILE D 153 5.82 -23.36 3.99
CA ILE D 153 4.39 -23.09 3.94
C ILE D 153 3.72 -24.08 3.01
N GLU D 154 4.35 -24.36 1.86
CA GLU D 154 3.74 -25.30 0.92
C GLU D 154 3.60 -26.67 1.53
N LYS D 155 4.59 -27.10 2.34
CA LYS D 155 4.49 -28.38 3.06
C LYS D 155 3.35 -28.35 4.09
N ILE D 156 3.21 -27.25 4.83
CA ILE D 156 2.19 -27.18 5.86
C ILE D 156 0.79 -27.24 5.23
N ALA D 157 0.58 -26.46 4.17
CA ALA D 157 -0.76 -26.41 3.59
C ALA D 157 -1.15 -27.75 2.99
N THR D 158 -0.18 -28.51 2.48
CA THR D 158 -0.52 -29.82 1.94
C THR D 158 -0.81 -30.84 3.05
N ASP D 159 -0.03 -30.80 4.13
CA ASP D 159 -0.31 -31.69 5.26
C ASP D 159 -1.70 -31.40 5.85
N VAL D 160 -2.02 -30.11 6.06
CA VAL D 160 -3.33 -29.75 6.57
C VAL D 160 -4.41 -30.19 5.59
N SER D 161 -4.18 -29.94 4.30
CA SER D 161 -5.14 -30.36 3.29
C SER D 161 -5.36 -31.87 3.32
N ASN D 162 -4.27 -32.63 3.32
CA ASN D 162 -4.39 -34.08 3.35
C ASN D 162 -5.15 -34.54 4.59
N MET D 163 -4.75 -34.04 5.75
CA MET D 163 -5.41 -34.43 6.98
C MET D 163 -6.89 -34.15 6.92
N LEU D 164 -7.29 -33.10 6.23
CA LEU D 164 -8.72 -32.76 6.12
C LEU D 164 -9.50 -33.72 5.23
N ASN D 165 -8.92 -34.82 4.81
CA ASN D 165 -9.62 -35.83 4.02
C ASN D 165 -9.54 -37.22 4.68
#